data_3TJ1
#
_entry.id   3TJ1
#
_cell.length_a   96.770
_cell.length_b   101.770
_cell.length_c   162.010
_cell.angle_alpha   90.00
_cell.angle_beta   90.00
_cell.angle_gamma   90.00
#
_symmetry.space_group_name_H-M   'P 21 21 21'
#
loop_
_entity.id
_entity.type
_entity.pdbx_description
1 polymer 'RNA polymerase I-specific transcription initiation factor RRN3'
2 water water
#
_entity_poly.entity_id   1
_entity_poly.type   'polypeptide(L)'
_entity_poly.pdbx_seq_one_letter_code
;MGSSHHHHHHSSGLVPRGSHMAMMAFENTSKRPPQDFVAPIDQKKRKVQFSDSTGLVTLQPEEIKDEVFSAAMYSRFVKS
ALDDLDKNDSTQIGIIANQVALPSKNPERINDKNLNILLDILSSNINRIESSRGTFLIQSIINFEKWWELPPHTLSKYIY
FIKILCSSIPKWWQDVSMILVSCFILPIKQTVCHHDMLKYFLRMIPSSMGFIDTYLAKFFPNKNDTRRKLVNYTSNLLKL
RGYCSELGFQIWSLLIEKIISIDVELQNELDELDDDVDDDDLEEVDLEDDDDLDDDSGDDDDENCGNSNEELRSGAADGS
QSDSEDMDIIEGMDGTEEYNVELTQGIKELSTKLDSILTLVSTHVEEQVTPESLESGEGVGVFNTLTTLFKTHVLPTYYT
RSIQYIMFHVSQQQLELMDSFLVTLIDISFAVNEAAEKKIKSLQYLGSYIARAKKLSRTQIIFVASYLTSWLNRYVIERE
EEVDQRGGMERFKHFYAAFQALCYIFCFRHNIFRDTDGNWECELDKFFQRMVISKFNPLKFCNENVMLMFARIAQQESVA
YCFSIIENNNNERLRGIIGKADSDKKENSAQANTTSSSWSLATRQQFIDLQSYFPYDPLFLKNYKILMKEYYIEWSEASG
EYESDGSDD
;
_entity_poly.pdbx_strand_id   A,B
#
# COMPACT_ATOMS: atom_id res chain seq x y z
N VAL A 68 -58.75 -52.48 -13.08
CA VAL A 68 -59.11 -53.76 -13.70
C VAL A 68 -58.08 -54.86 -13.36
N PHE A 69 -56.82 -54.46 -13.05
CA PHE A 69 -55.70 -55.37 -12.74
C PHE A 69 -55.44 -55.64 -11.26
N SER A 70 -55.26 -56.94 -10.92
CA SER A 70 -54.90 -57.43 -9.58
C SER A 70 -53.36 -57.36 -9.45
N ALA A 71 -52.82 -57.41 -8.21
CA ALA A 71 -51.37 -57.36 -7.98
C ALA A 71 -50.62 -58.39 -8.83
N ALA A 72 -51.14 -59.63 -8.89
CA ALA A 72 -50.57 -60.72 -9.67
C ALA A 72 -50.86 -60.54 -11.16
N MET A 73 -52.03 -59.99 -11.50
CA MET A 73 -52.45 -59.75 -12.88
C MET A 73 -51.58 -58.70 -13.52
N TYR A 74 -51.24 -57.64 -12.77
CA TYR A 74 -50.35 -56.59 -13.26
C TYR A 74 -48.93 -57.09 -13.31
N SER A 75 -48.49 -57.85 -12.28
CA SER A 75 -47.13 -58.40 -12.21
C SER A 75 -46.82 -59.26 -13.43
N ARG A 76 -47.80 -60.11 -13.86
CA ARG A 76 -47.64 -60.95 -15.05
C ARG A 76 -47.68 -60.04 -16.28
N PHE A 77 -48.59 -59.04 -16.30
CA PHE A 77 -48.73 -58.06 -17.39
C PHE A 77 -47.41 -57.32 -17.72
N VAL A 78 -46.56 -57.07 -16.71
CA VAL A 78 -45.25 -56.43 -16.89
C VAL A 78 -44.20 -57.49 -17.23
N LYS A 79 -44.24 -58.67 -16.54
CA LYS A 79 -43.31 -59.80 -16.74
C LYS A 79 -43.35 -60.29 -18.19
N SER A 80 -44.58 -60.34 -18.78
CA SER A 80 -44.85 -60.73 -20.16
C SER A 80 -44.39 -59.63 -21.10
N ALA A 81 -44.60 -58.36 -20.73
CA ALA A 81 -44.19 -57.22 -21.53
C ALA A 81 -42.67 -57.20 -21.73
N LEU A 82 -41.92 -57.66 -20.71
CA LEU A 82 -40.46 -57.77 -20.76
C LEU A 82 -40.02 -59.00 -21.55
N ASP A 83 -40.79 -60.12 -21.48
CA ASP A 83 -40.53 -61.33 -22.27
C ASP A 83 -40.70 -60.93 -23.77
N ASP A 84 -41.81 -60.21 -24.08
CA ASP A 84 -42.18 -59.64 -25.39
C ASP A 84 -41.06 -58.72 -25.86
N LEU A 85 -40.50 -57.91 -24.95
CA LEU A 85 -39.42 -56.97 -25.21
C LEU A 85 -38.14 -57.69 -25.68
N ASP A 86 -37.85 -58.91 -25.15
CA ASP A 86 -36.67 -59.71 -25.51
C ASP A 86 -36.71 -60.22 -26.96
N LYS A 87 -37.93 -60.39 -27.49
CA LYS A 87 -38.23 -60.78 -28.87
C LYS A 87 -38.76 -59.55 -29.65
N ASN A 88 -38.00 -58.42 -29.58
CA ASN A 88 -38.23 -57.11 -30.20
C ASN A 88 -39.69 -56.65 -30.40
N ASP A 89 -40.47 -56.70 -29.32
CA ASP A 89 -41.87 -56.28 -29.27
C ASP A 89 -42.02 -55.29 -28.11
N SER A 90 -42.03 -54.01 -28.46
CA SER A 90 -42.13 -52.88 -27.55
C SER A 90 -43.58 -52.41 -27.42
N THR A 91 -44.56 -53.12 -28.03
CA THR A 91 -45.96 -52.72 -27.96
C THR A 91 -46.48 -52.68 -26.53
N GLN A 92 -46.32 -53.80 -25.81
CA GLN A 92 -46.74 -53.93 -24.41
C GLN A 92 -45.96 -52.98 -23.49
N ILE A 93 -44.63 -52.92 -23.63
CA ILE A 93 -43.79 -52.00 -22.85
C ILE A 93 -44.17 -50.54 -23.11
N GLY A 94 -44.42 -50.19 -24.37
CA GLY A 94 -44.83 -48.85 -24.79
C GLY A 94 -46.20 -48.48 -24.27
N ILE A 95 -47.08 -49.49 -24.09
CA ILE A 95 -48.42 -49.30 -23.53
C ILE A 95 -48.24 -48.84 -22.08
N ILE A 96 -47.33 -49.52 -21.35
CA ILE A 96 -46.96 -49.21 -19.97
C ILE A 96 -46.29 -47.83 -19.94
N ALA A 97 -45.23 -47.61 -20.76
CA ALA A 97 -44.49 -46.34 -20.82
C ALA A 97 -45.37 -45.13 -21.12
N ASN A 98 -46.46 -45.32 -21.87
CA ASN A 98 -47.39 -44.24 -22.16
C ASN A 98 -48.25 -43.92 -20.93
N GLN A 99 -48.67 -44.97 -20.19
CA GLN A 99 -49.46 -44.92 -18.96
C GLN A 99 -48.68 -44.20 -17.86
N VAL A 100 -47.34 -44.38 -17.82
CA VAL A 100 -46.49 -43.72 -16.83
C VAL A 100 -46.16 -42.27 -17.16
N ALA A 101 -46.03 -41.95 -18.46
CA ALA A 101 -45.70 -40.61 -18.97
C ALA A 101 -46.79 -39.57 -18.72
N LEU A 102 -48.08 -39.98 -18.83
CA LEU A 102 -49.31 -39.19 -18.64
C LEU A 102 -49.24 -38.13 -17.53
N PRO A 103 -49.85 -36.92 -17.72
CA PRO A 103 -49.73 -35.87 -16.69
C PRO A 103 -50.33 -36.21 -15.32
N SER A 104 -49.78 -35.62 -14.23
CA SER A 104 -50.22 -35.79 -12.84
C SER A 104 -51.73 -35.55 -12.68
N LYS A 105 -52.23 -34.51 -13.38
CA LYS A 105 -53.63 -34.08 -13.41
C LYS A 105 -54.59 -35.14 -14.01
N ASN A 106 -54.08 -35.96 -14.97
CA ASN A 106 -54.86 -36.98 -15.66
C ASN A 106 -55.16 -38.17 -14.74
N PRO A 107 -56.45 -38.53 -14.55
CA PRO A 107 -56.79 -39.68 -13.71
C PRO A 107 -56.39 -41.04 -14.30
N GLU A 108 -56.30 -41.17 -15.65
CA GLU A 108 -55.95 -42.43 -16.34
C GLU A 108 -54.49 -42.86 -16.20
N ARG A 109 -53.62 -42.00 -15.61
CA ARG A 109 -52.21 -42.25 -15.34
C ARG A 109 -52.06 -43.43 -14.35
N ILE A 110 -51.07 -44.34 -14.58
CA ILE A 110 -50.74 -45.48 -13.70
C ILE A 110 -50.78 -45.09 -12.22
N ASN A 111 -51.57 -45.82 -11.42
CA ASN A 111 -51.73 -45.62 -9.98
C ASN A 111 -50.53 -46.19 -9.18
N ASP A 112 -50.31 -45.70 -7.94
CA ASP A 112 -49.23 -46.11 -7.04
C ASP A 112 -49.07 -47.63 -6.86
N LYS A 113 -50.21 -48.36 -6.65
CA LYS A 113 -50.23 -49.81 -6.49
C LYS A 113 -49.49 -50.49 -7.65
N ASN A 114 -49.96 -50.27 -8.89
CA ASN A 114 -49.34 -50.81 -10.10
C ASN A 114 -47.94 -50.22 -10.35
N LEU A 115 -47.72 -48.90 -10.08
CA LEU A 115 -46.40 -48.27 -10.24
C LEU A 115 -45.34 -48.91 -9.33
N ASN A 116 -45.75 -49.34 -8.11
CA ASN A 116 -44.88 -50.04 -7.16
C ASN A 116 -44.39 -51.34 -7.77
N ILE A 117 -45.31 -52.11 -8.37
CA ILE A 117 -44.99 -53.39 -9.01
C ILE A 117 -43.98 -53.18 -10.16
N LEU A 118 -44.28 -52.23 -11.05
CA LEU A 118 -43.45 -51.92 -12.19
C LEU A 118 -42.01 -51.63 -11.75
N LEU A 119 -41.84 -50.67 -10.84
CA LEU A 119 -40.54 -50.27 -10.35
C LEU A 119 -39.76 -51.42 -9.68
N ASP A 120 -40.42 -52.24 -8.83
CA ASP A 120 -39.72 -53.33 -8.15
C ASP A 120 -39.20 -54.39 -9.09
N ILE A 121 -39.96 -54.68 -10.15
CA ILE A 121 -39.58 -55.65 -11.18
C ILE A 121 -38.46 -55.09 -12.06
N LEU A 122 -38.52 -53.79 -12.40
CA LEU A 122 -37.48 -53.17 -13.21
C LEU A 122 -36.15 -53.07 -12.42
N SER A 123 -36.21 -52.63 -11.13
CA SER A 123 -35.05 -52.49 -10.20
C SER A 123 -34.31 -53.82 -10.02
N SER A 124 -35.09 -54.94 -9.92
CA SER A 124 -34.61 -56.30 -9.72
C SER A 124 -33.63 -56.79 -10.77
N ASN A 125 -33.79 -56.33 -12.04
CA ASN A 125 -32.89 -56.64 -13.15
C ASN A 125 -32.97 -55.53 -14.18
N ILE A 126 -32.25 -54.44 -13.89
CA ILE A 126 -32.17 -53.27 -14.74
C ILE A 126 -31.62 -53.58 -16.15
N ASN A 127 -30.67 -54.54 -16.26
CA ASN A 127 -30.05 -54.92 -17.54
C ASN A 127 -31.05 -55.29 -18.64
N ARG A 128 -32.21 -55.85 -18.25
CA ARG A 128 -33.31 -56.23 -19.15
C ARG A 128 -33.83 -55.04 -19.98
N ILE A 129 -33.68 -53.80 -19.49
CA ILE A 129 -34.17 -52.60 -20.18
C ILE A 129 -33.06 -51.73 -20.77
N GLU A 130 -31.77 -52.14 -20.58
CA GLU A 130 -30.55 -51.46 -21.03
C GLU A 130 -30.47 -51.18 -22.53
N SER A 131 -31.18 -52.00 -23.34
CA SER A 131 -31.23 -51.93 -24.80
C SER A 131 -31.88 -50.65 -25.32
N SER A 132 -31.75 -50.41 -26.64
CA SER A 132 -32.30 -49.28 -27.37
C SER A 132 -33.83 -49.36 -27.42
N ARG A 133 -34.37 -50.60 -27.31
CA ARG A 133 -35.80 -50.87 -27.30
C ARG A 133 -36.45 -50.51 -25.95
N GLY A 134 -35.63 -50.42 -24.90
CA GLY A 134 -36.05 -50.03 -23.56
C GLY A 134 -35.79 -48.57 -23.20
N THR A 135 -35.27 -47.79 -24.16
CA THR A 135 -34.98 -46.38 -23.97
C THR A 135 -36.25 -45.55 -23.65
N PHE A 136 -37.36 -45.79 -24.38
CA PHE A 136 -38.62 -45.07 -24.20
C PHE A 136 -39.20 -45.23 -22.80
N LEU A 137 -39.22 -46.45 -22.24
CA LEU A 137 -39.73 -46.75 -20.90
C LEU A 137 -38.96 -45.98 -19.82
N ILE A 138 -37.62 -45.98 -19.95
CA ILE A 138 -36.71 -45.29 -19.03
C ILE A 138 -36.97 -43.77 -19.05
N GLN A 139 -37.09 -43.18 -20.25
CA GLN A 139 -37.36 -41.74 -20.38
C GLN A 139 -38.70 -41.39 -19.73
N SER A 140 -39.69 -42.30 -19.89
CA SER A 140 -41.04 -42.16 -19.36
C SER A 140 -41.05 -42.06 -17.83
N ILE A 141 -40.22 -42.88 -17.16
CA ILE A 141 -40.09 -42.87 -15.71
C ILE A 141 -39.30 -41.63 -15.24
N ILE A 142 -38.18 -41.28 -15.91
CA ILE A 142 -37.39 -40.08 -15.58
C ILE A 142 -38.28 -38.84 -15.64
N ASN A 143 -39.15 -38.77 -16.67
CA ASN A 143 -40.04 -37.63 -16.91
C ASN A 143 -41.44 -37.79 -16.27
N PHE A 144 -41.52 -38.53 -15.14
CA PHE A 144 -42.74 -38.73 -14.36
C PHE A 144 -42.98 -37.42 -13.57
N GLU A 145 -44.09 -36.73 -13.89
CA GLU A 145 -44.50 -35.45 -13.31
C GLU A 145 -44.68 -35.55 -11.80
N LYS A 146 -44.09 -34.59 -11.07
CA LYS A 146 -44.16 -34.48 -9.61
C LYS A 146 -43.94 -35.82 -8.91
N TRP A 147 -42.79 -36.48 -9.22
CA TRP A 147 -42.44 -37.77 -8.62
C TRP A 147 -42.13 -37.61 -7.11
N TRP A 148 -41.73 -36.41 -6.67
CA TRP A 148 -41.44 -36.11 -5.27
C TRP A 148 -42.76 -35.97 -4.51
N GLU A 149 -43.86 -35.72 -5.25
CA GLU A 149 -45.20 -35.65 -4.68
C GLU A 149 -45.82 -37.06 -4.49
N LEU A 150 -45.04 -38.15 -4.77
CA LEU A 150 -45.50 -39.54 -4.60
C LEU A 150 -45.64 -39.91 -3.12
N PRO A 151 -46.57 -40.85 -2.78
CA PRO A 151 -46.70 -41.29 -1.38
C PRO A 151 -45.42 -41.98 -0.87
N PRO A 152 -45.13 -41.89 0.47
CA PRO A 152 -43.91 -42.51 1.02
C PRO A 152 -43.35 -43.78 0.40
N HIS A 153 -44.08 -44.93 0.44
CA HIS A 153 -43.60 -46.20 -0.13
C HIS A 153 -43.36 -46.16 -1.66
N THR A 154 -44.25 -45.48 -2.41
CA THR A 154 -44.16 -45.33 -3.85
C THR A 154 -42.95 -44.46 -4.22
N LEU A 155 -42.75 -43.37 -3.47
CA LEU A 155 -41.63 -42.45 -3.65
C LEU A 155 -40.31 -43.18 -3.41
N SER A 156 -40.29 -44.07 -2.40
CA SER A 156 -39.12 -44.85 -2.01
C SER A 156 -38.66 -45.77 -3.15
N LYS A 157 -39.61 -46.46 -3.82
CA LYS A 157 -39.40 -47.37 -4.94
C LYS A 157 -38.90 -46.62 -6.16
N TYR A 158 -39.42 -45.37 -6.37
CA TYR A 158 -38.99 -44.49 -7.46
C TYR A 158 -37.51 -44.09 -7.24
N ILE A 159 -37.15 -43.63 -6.03
CA ILE A 159 -35.79 -43.25 -5.66
C ILE A 159 -34.85 -44.44 -5.87
N TYR A 160 -35.23 -45.64 -5.34
CA TYR A 160 -34.45 -46.87 -5.50
C TYR A 160 -34.27 -47.20 -6.97
N PHE A 161 -35.35 -47.05 -7.78
CA PHE A 161 -35.25 -47.30 -9.21
C PHE A 161 -34.14 -46.44 -9.83
N ILE A 162 -34.26 -45.09 -9.66
CA ILE A 162 -33.32 -44.11 -10.19
C ILE A 162 -31.89 -44.40 -9.73
N LYS A 163 -31.73 -44.69 -8.43
CA LYS A 163 -30.44 -45.04 -7.81
C LYS A 163 -29.85 -46.24 -8.60
N ILE A 164 -30.64 -47.31 -8.80
CA ILE A 164 -30.23 -48.49 -9.58
C ILE A 164 -29.86 -48.09 -11.03
N LEU A 165 -30.77 -47.37 -11.73
CA LEU A 165 -30.59 -46.89 -13.10
C LEU A 165 -29.27 -46.16 -13.37
N CYS A 166 -28.98 -45.10 -12.60
CA CYS A 166 -27.79 -44.29 -12.80
C CYS A 166 -26.47 -44.89 -12.28
N SER A 167 -26.56 -46.07 -11.62
CA SER A 167 -25.40 -46.82 -11.11
C SER A 167 -24.98 -47.80 -12.20
N SER A 168 -25.95 -48.40 -12.88
CA SER A 168 -25.69 -49.38 -13.93
C SER A 168 -25.47 -48.68 -15.26
N ILE A 169 -26.21 -47.59 -15.48
CA ILE A 169 -26.14 -46.79 -16.70
C ILE A 169 -25.96 -45.33 -16.28
N PRO A 170 -24.70 -44.88 -16.08
CA PRO A 170 -24.48 -43.48 -15.68
C PRO A 170 -24.93 -42.41 -16.69
N LYS A 171 -25.23 -42.80 -17.96
CA LYS A 171 -25.69 -41.91 -19.04
C LYS A 171 -26.98 -41.16 -18.66
N TRP A 172 -27.88 -41.83 -17.91
CA TRP A 172 -29.15 -41.27 -17.47
C TRP A 172 -29.04 -40.21 -16.38
N TRP A 173 -27.90 -40.15 -15.65
CA TRP A 173 -27.70 -39.17 -14.60
C TRP A 173 -27.72 -37.74 -15.15
N GLN A 174 -27.30 -37.57 -16.41
CA GLN A 174 -27.31 -36.30 -17.12
C GLN A 174 -28.76 -35.77 -17.26
N ASP A 175 -29.75 -36.68 -17.40
CA ASP A 175 -31.16 -36.34 -17.57
C ASP A 175 -31.85 -36.11 -16.22
N VAL A 176 -31.61 -37.02 -15.26
CA VAL A 176 -32.15 -37.01 -13.89
C VAL A 176 -31.71 -35.73 -13.19
N SER A 177 -30.39 -35.44 -13.18
CA SER A 177 -29.85 -34.23 -12.56
C SER A 177 -30.46 -32.96 -13.12
N MET A 178 -30.68 -32.90 -14.45
CA MET A 178 -31.29 -31.73 -15.11
C MET A 178 -32.65 -31.41 -14.50
N ILE A 179 -33.53 -32.42 -14.34
CA ILE A 179 -34.85 -32.30 -13.74
C ILE A 179 -34.72 -31.83 -12.28
N LEU A 180 -33.82 -32.49 -11.51
CA LEU A 180 -33.55 -32.14 -10.11
C LEU A 180 -33.21 -30.65 -9.98
N VAL A 181 -32.26 -30.14 -10.79
CA VAL A 181 -31.86 -28.73 -10.74
C VAL A 181 -33.01 -27.80 -11.13
N SER A 182 -33.88 -28.24 -12.04
CA SER A 182 -35.05 -27.43 -12.42
C SER A 182 -36.08 -27.35 -11.26
N CYS A 183 -35.96 -28.25 -10.26
CA CYS A 183 -36.84 -28.31 -9.11
C CYS A 183 -36.39 -27.36 -7.99
N PHE A 184 -35.27 -26.64 -8.20
CA PHE A 184 -34.73 -25.69 -7.22
C PHE A 184 -35.64 -24.50 -6.95
N ILE A 185 -36.66 -24.27 -7.81
CA ILE A 185 -37.69 -23.22 -7.67
C ILE A 185 -38.76 -23.60 -6.60
N LEU A 186 -38.68 -24.83 -6.04
CA LEU A 186 -39.56 -25.36 -5.00
C LEU A 186 -38.96 -25.13 -3.58
N PRO A 187 -39.77 -25.04 -2.49
CA PRO A 187 -39.20 -24.79 -1.15
C PRO A 187 -38.29 -25.89 -0.63
N ILE A 188 -37.38 -25.53 0.30
CA ILE A 188 -36.44 -26.46 0.96
C ILE A 188 -37.18 -27.71 1.52
N LYS A 189 -38.37 -27.50 2.13
CA LYS A 189 -39.22 -28.57 2.67
C LYS A 189 -39.61 -29.58 1.58
N GLN A 190 -39.85 -29.09 0.37
CA GLN A 190 -40.21 -29.87 -0.82
C GLN A 190 -39.02 -30.50 -1.62
N THR A 191 -37.77 -30.08 -1.39
CA THR A 191 -36.61 -30.58 -2.18
C THR A 191 -35.70 -31.60 -1.48
N VAL A 192 -36.03 -32.00 -0.25
CA VAL A 192 -35.20 -32.91 0.52
C VAL A 192 -34.64 -34.10 -0.30
N CYS A 193 -35.50 -34.77 -1.07
CA CYS A 193 -35.07 -35.91 -1.88
C CYS A 193 -34.30 -35.53 -3.16
N HIS A 194 -34.49 -34.30 -3.66
CA HIS A 194 -33.75 -33.80 -4.83
C HIS A 194 -32.27 -33.62 -4.46
N HIS A 195 -32.02 -33.07 -3.24
CA HIS A 195 -30.67 -32.86 -2.72
C HIS A 195 -30.04 -34.16 -2.32
N ASP A 196 -30.86 -35.12 -1.81
CA ASP A 196 -30.36 -36.43 -1.39
C ASP A 196 -29.77 -37.16 -2.59
N MET A 197 -30.48 -37.06 -3.74
CA MET A 197 -30.11 -37.66 -5.02
C MET A 197 -28.88 -37.00 -5.61
N LEU A 198 -28.84 -35.62 -5.60
CA LEU A 198 -27.71 -34.84 -6.11
C LEU A 198 -26.44 -35.23 -5.33
N LYS A 199 -26.52 -35.19 -3.96
CA LYS A 199 -25.44 -35.53 -3.03
C LYS A 199 -24.87 -36.91 -3.34
N TYR A 200 -25.75 -37.94 -3.49
CA TYR A 200 -25.38 -39.32 -3.80
C TYR A 200 -24.60 -39.44 -5.10
N PHE A 201 -25.20 -38.98 -6.21
CA PHE A 201 -24.56 -39.11 -7.51
C PHE A 201 -23.40 -38.16 -7.79
N LEU A 202 -23.32 -37.00 -7.10
CA LEU A 202 -22.17 -36.08 -7.28
C LEU A 202 -20.89 -36.72 -6.70
N ARG A 203 -21.07 -37.68 -5.77
CA ARG A 203 -20.02 -38.46 -5.15
C ARG A 203 -19.67 -39.67 -6.05
N MET A 204 -20.69 -40.47 -6.46
CA MET A 204 -20.52 -41.64 -7.32
C MET A 204 -20.01 -41.28 -8.72
N ILE A 205 -20.54 -40.19 -9.30
CA ILE A 205 -20.15 -39.69 -10.62
C ILE A 205 -19.65 -38.24 -10.42
N PRO A 206 -18.36 -38.04 -10.05
CA PRO A 206 -17.86 -36.68 -9.80
C PRO A 206 -17.75 -35.81 -11.04
N SER A 207 -17.58 -36.47 -12.21
CA SER A 207 -17.48 -35.86 -13.55
C SER A 207 -18.71 -35.03 -13.89
N SER A 208 -19.87 -35.38 -13.28
CA SER A 208 -21.16 -34.73 -13.45
C SER A 208 -21.18 -33.24 -13.05
N MET A 209 -20.24 -32.83 -12.17
CA MET A 209 -20.14 -31.46 -11.69
C MET A 209 -20.13 -30.38 -12.76
N GLY A 210 -19.60 -30.72 -13.93
CA GLY A 210 -19.51 -29.83 -15.08
C GLY A 210 -20.86 -29.42 -15.64
N PHE A 211 -21.66 -30.42 -16.06
CA PHE A 211 -22.98 -30.15 -16.61
C PHE A 211 -23.99 -29.68 -15.58
N ILE A 212 -23.82 -30.10 -14.29
CA ILE A 212 -24.65 -29.66 -13.16
C ILE A 212 -24.46 -28.16 -12.93
N ASP A 213 -23.20 -27.69 -13.02
CA ASP A 213 -22.85 -26.27 -12.93
C ASP A 213 -23.60 -25.50 -14.03
N THR A 214 -23.60 -26.03 -15.27
CA THR A 214 -24.31 -25.40 -16.38
C THR A 214 -25.83 -25.34 -16.12
N TYR A 215 -26.41 -26.39 -15.46
CA TYR A 215 -27.83 -26.42 -15.12
C TYR A 215 -28.14 -25.31 -14.10
N LEU A 216 -27.25 -25.12 -13.10
CA LEU A 216 -27.36 -24.09 -12.07
C LEU A 216 -27.59 -22.70 -12.71
N ALA A 217 -26.90 -22.44 -13.83
CA ALA A 217 -27.00 -21.19 -14.57
C ALA A 217 -28.29 -21.20 -15.43
N LYS A 218 -28.48 -22.27 -16.23
CA LYS A 218 -29.64 -22.44 -17.11
C LYS A 218 -30.97 -22.23 -16.37
N PHE A 219 -31.10 -22.86 -15.21
CA PHE A 219 -32.35 -22.84 -14.47
C PHE A 219 -32.59 -21.68 -13.53
N PHE A 220 -31.59 -20.79 -13.33
CA PHE A 220 -31.81 -19.63 -12.47
C PHE A 220 -33.01 -18.79 -12.99
N PRO A 221 -34.02 -18.56 -12.13
CA PRO A 221 -35.19 -17.77 -12.55
C PRO A 221 -34.84 -16.36 -12.98
N ASN A 222 -35.69 -15.79 -13.84
CA ASN A 222 -35.56 -14.42 -14.34
C ASN A 222 -35.85 -13.43 -13.20
N LYS A 223 -35.32 -12.19 -13.32
CA LYS A 223 -35.56 -11.11 -12.38
C LYS A 223 -37.09 -10.95 -12.32
N ASN A 224 -37.74 -10.94 -13.52
CA ASN A 224 -39.18 -10.81 -13.77
C ASN A 224 -40.04 -11.92 -13.18
N ASP A 225 -39.47 -13.13 -12.94
CA ASP A 225 -40.19 -14.27 -12.35
C ASP A 225 -40.61 -14.01 -10.89
N THR A 226 -41.46 -14.89 -10.30
CA THR A 226 -41.98 -14.80 -8.94
C THR A 226 -40.88 -14.66 -7.88
N ARG A 227 -41.12 -13.85 -6.82
CA ARG A 227 -40.16 -13.69 -5.74
C ARG A 227 -39.90 -15.03 -5.04
N ARG A 228 -40.94 -15.90 -4.97
CA ARG A 228 -40.91 -17.25 -4.41
C ARG A 228 -39.94 -18.15 -5.20
N LYS A 229 -39.99 -18.10 -6.55
CA LYS A 229 -39.08 -18.85 -7.42
C LYS A 229 -37.62 -18.36 -7.24
N LEU A 230 -37.41 -17.03 -7.14
CA LEU A 230 -36.10 -16.43 -6.93
C LEU A 230 -35.59 -16.73 -5.53
N VAL A 231 -36.44 -16.63 -4.49
CA VAL A 231 -36.01 -16.92 -3.13
C VAL A 231 -35.70 -18.42 -2.87
N ASN A 232 -36.51 -19.32 -3.45
CA ASN A 232 -36.34 -20.78 -3.31
C ASN A 232 -35.08 -21.26 -4.05
N TYR A 233 -34.83 -20.71 -5.26
CA TYR A 233 -33.65 -21.09 -6.04
C TYR A 233 -32.36 -20.74 -5.29
N THR A 234 -32.37 -19.61 -4.52
CA THR A 234 -31.23 -19.18 -3.70
C THR A 234 -31.09 -20.10 -2.48
N SER A 235 -32.22 -20.46 -1.83
CA SER A 235 -32.20 -21.37 -0.68
C SER A 235 -31.55 -22.72 -1.05
N ASN A 236 -31.96 -23.27 -2.19
CA ASN A 236 -31.46 -24.54 -2.72
C ASN A 236 -30.01 -24.46 -3.15
N LEU A 237 -29.63 -23.36 -3.84
CA LEU A 237 -28.24 -23.16 -4.25
C LEU A 237 -27.32 -23.13 -3.01
N LEU A 238 -27.78 -22.50 -1.90
CA LEU A 238 -27.03 -22.48 -0.64
C LEU A 238 -26.99 -23.87 0.04
N LYS A 239 -28.09 -24.66 -0.08
CA LYS A 239 -28.14 -26.03 0.44
C LYS A 239 -27.14 -26.89 -0.32
N LEU A 240 -27.17 -26.82 -1.68
CA LEU A 240 -26.27 -27.53 -2.58
C LEU A 240 -24.82 -27.19 -2.22
N ARG A 241 -24.55 -25.88 -1.98
CA ARG A 241 -23.23 -25.35 -1.58
C ARG A 241 -22.65 -26.06 -0.32
N GLY A 242 -23.54 -26.45 0.61
CA GLY A 242 -23.22 -27.13 1.85
C GLY A 242 -22.65 -28.54 1.71
N TYR A 243 -22.98 -29.24 0.62
CA TYR A 243 -22.46 -30.60 0.42
C TYR A 243 -21.55 -30.69 -0.80
N CYS A 244 -21.48 -29.60 -1.58
CA CYS A 244 -20.64 -29.55 -2.74
C CYS A 244 -19.78 -28.30 -2.74
N SER A 245 -18.67 -28.39 -2.02
CA SER A 245 -17.70 -27.32 -1.86
C SER A 245 -17.04 -27.01 -3.19
N GLU A 246 -16.82 -28.05 -4.03
CA GLU A 246 -16.21 -27.94 -5.35
C GLU A 246 -16.99 -27.01 -6.27
N LEU A 247 -18.33 -26.89 -6.04
CA LEU A 247 -19.23 -25.98 -6.77
C LEU A 247 -19.46 -24.61 -6.05
N GLY A 248 -18.97 -24.48 -4.81
CA GLY A 248 -19.13 -23.29 -3.97
C GLY A 248 -18.92 -21.93 -4.61
N PHE A 249 -17.75 -21.71 -5.24
CA PHE A 249 -17.45 -20.41 -5.88
C PHE A 249 -18.45 -20.03 -6.97
N GLN A 250 -18.77 -20.98 -7.89
CA GLN A 250 -19.71 -20.79 -9.01
C GLN A 250 -21.09 -20.42 -8.52
N ILE A 251 -21.54 -21.05 -7.39
CA ILE A 251 -22.83 -20.80 -6.72
C ILE A 251 -22.87 -19.36 -6.23
N TRP A 252 -21.78 -18.93 -5.59
CA TRP A 252 -21.67 -17.57 -5.06
C TRP A 252 -21.60 -16.55 -6.17
N SER A 253 -20.84 -16.86 -7.25
CA SER A 253 -20.69 -15.99 -8.42
C SER A 253 -22.03 -15.80 -9.11
N LEU A 254 -22.79 -16.90 -9.28
CA LEU A 254 -24.12 -16.92 -9.89
C LEU A 254 -25.09 -16.05 -9.10
N LEU A 255 -25.11 -16.22 -7.74
CA LEU A 255 -25.92 -15.43 -6.81
C LEU A 255 -25.57 -13.95 -6.90
N ILE A 256 -24.27 -13.58 -6.73
CA ILE A 256 -23.77 -12.20 -6.80
C ILE A 256 -24.19 -11.58 -8.13
N GLU A 257 -23.86 -12.24 -9.26
CA GLU A 257 -24.21 -11.78 -10.61
C GLU A 257 -25.69 -11.47 -10.76
N LYS A 258 -26.55 -12.34 -10.20
CA LYS A 258 -28.01 -12.19 -10.23
C LYS A 258 -28.48 -11.07 -9.30
N ILE A 259 -27.93 -10.96 -8.08
CA ILE A 259 -28.29 -9.89 -7.13
C ILE A 259 -27.90 -8.49 -7.70
N ILE A 260 -26.71 -8.36 -8.37
CA ILE A 260 -26.30 -7.09 -8.99
C ILE A 260 -27.27 -6.68 -10.09
N SER A 261 -27.72 -7.68 -10.89
CA SER A 261 -28.67 -7.50 -11.98
C SER A 261 -29.96 -6.83 -11.45
N ILE A 262 -30.49 -7.34 -10.30
CA ILE A 262 -31.68 -6.83 -9.60
C ILE A 262 -31.44 -5.38 -9.10
N ASP A 263 -30.34 -5.15 -8.35
CA ASP A 263 -29.92 -3.85 -7.78
C ASP A 263 -29.78 -2.76 -8.84
N VAL A 264 -29.04 -3.06 -9.95
CA VAL A 264 -28.80 -2.17 -11.08
C VAL A 264 -30.11 -1.81 -11.76
N GLU A 265 -30.96 -2.83 -12.06
CA GLU A 265 -32.27 -2.60 -12.68
C GLU A 265 -33.17 -1.72 -11.81
N LEU A 266 -33.21 -1.98 -10.49
CA LEU A 266 -34.01 -1.19 -9.53
C LEU A 266 -33.58 0.28 -9.53
N GLN A 267 -32.25 0.55 -9.61
CA GLN A 267 -31.74 1.92 -9.64
C GLN A 267 -32.04 2.63 -10.96
N ASN A 268 -31.80 1.97 -12.12
CA ASN A 268 -32.10 2.52 -13.45
C ASN A 268 -33.60 2.83 -13.54
N GLU A 269 -34.45 1.96 -12.94
CA GLU A 269 -35.90 2.13 -12.88
C GLU A 269 -36.31 3.30 -11.96
N LEU A 270 -35.49 3.62 -10.94
CA LEU A 270 -35.73 4.77 -10.07
C LEU A 270 -35.26 6.05 -10.79
N ASP A 271 -34.19 5.90 -11.59
CA ASP A 271 -33.57 6.95 -12.41
C ASP A 271 -34.48 7.38 -13.57
N GLU A 272 -35.21 6.42 -14.20
CA GLU A 272 -36.11 6.73 -15.33
C GLU A 272 -37.31 7.59 -14.99
N LEU A 273 -37.95 7.38 -13.80
CA LEU A 273 -39.10 8.20 -13.42
C LEU A 273 -38.77 9.69 -13.26
N ASP A 274 -37.54 9.98 -12.74
CA ASP A 274 -36.95 11.32 -12.53
C ASP A 274 -35.49 11.21 -12.10
N THR A 344 -42.36 3.93 -13.90
CA THR A 344 -43.06 2.73 -13.42
C THR A 344 -42.81 2.36 -11.94
N GLN A 345 -43.83 2.60 -11.06
CA GLN A 345 -43.80 2.24 -9.64
C GLN A 345 -44.17 0.74 -9.42
N GLY A 346 -43.95 -0.05 -10.47
CA GLY A 346 -44.03 -1.51 -10.45
C GLY A 346 -42.76 -1.99 -9.77
N ILE A 347 -41.74 -1.05 -9.57
CA ILE A 347 -40.43 -1.18 -8.89
C ILE A 347 -40.54 -1.87 -7.56
N LYS A 348 -41.70 -1.73 -6.90
CA LYS A 348 -42.08 -2.39 -5.66
C LYS A 348 -41.76 -3.91 -5.74
N GLU A 349 -41.88 -4.49 -6.94
CA GLU A 349 -41.61 -5.90 -7.23
C GLU A 349 -40.15 -6.20 -7.03
N LEU A 350 -39.25 -5.39 -7.66
CA LEU A 350 -37.80 -5.53 -7.54
C LEU A 350 -37.31 -5.31 -6.12
N SER A 351 -37.93 -4.35 -5.40
CA SER A 351 -37.60 -4.00 -4.02
C SER A 351 -37.76 -5.20 -3.07
N THR A 352 -38.96 -5.78 -3.00
CA THR A 352 -39.33 -6.95 -2.18
C THR A 352 -38.54 -8.19 -2.57
N LYS A 353 -38.19 -8.31 -3.87
CA LYS A 353 -37.36 -9.39 -4.42
C LYS A 353 -35.93 -9.28 -3.84
N LEU A 354 -35.24 -8.17 -4.14
CA LEU A 354 -33.90 -7.83 -3.67
C LEU A 354 -33.81 -7.94 -2.16
N ASP A 355 -34.86 -7.45 -1.44
CA ASP A 355 -34.94 -7.50 0.02
C ASP A 355 -34.95 -8.96 0.51
N SER A 356 -35.88 -9.81 0.02
CA SER A 356 -35.98 -11.24 0.42
C SER A 356 -34.72 -12.06 0.10
N ILE A 357 -34.03 -11.75 -1.02
CA ILE A 357 -32.82 -12.46 -1.41
C ILE A 357 -31.66 -12.09 -0.48
N LEU A 358 -31.40 -10.79 -0.31
CA LEU A 358 -30.29 -10.30 0.54
C LEU A 358 -30.42 -10.71 1.99
N THR A 359 -31.63 -10.54 2.58
CA THR A 359 -31.90 -10.92 3.97
C THR A 359 -31.52 -12.38 4.19
N LEU A 360 -31.89 -13.26 3.26
CA LEU A 360 -31.55 -14.67 3.28
C LEU A 360 -30.04 -14.91 3.13
N VAL A 361 -29.42 -14.30 2.08
CA VAL A 361 -27.98 -14.40 1.80
C VAL A 361 -27.14 -13.96 3.03
N SER A 362 -27.54 -12.89 3.71
CA SER A 362 -26.77 -12.46 4.87
C SER A 362 -27.03 -13.25 6.14
N THR A 363 -28.27 -13.78 6.31
CA THR A 363 -28.65 -14.62 7.45
C THR A 363 -27.83 -15.93 7.44
N HIS A 364 -27.74 -16.55 6.25
CA HIS A 364 -27.00 -17.76 5.99
C HIS A 364 -25.51 -17.52 6.25
N VAL A 365 -25.03 -16.32 5.86
CA VAL A 365 -23.63 -15.92 6.02
C VAL A 365 -23.31 -15.70 7.50
N GLU A 366 -24.26 -15.14 8.29
CA GLU A 366 -24.13 -14.96 9.75
C GLU A 366 -23.92 -16.32 10.41
N GLU A 367 -24.64 -17.35 9.93
CA GLU A 367 -24.55 -18.75 10.39
C GLU A 367 -23.18 -19.36 10.03
N GLN A 368 -22.77 -19.25 8.74
CA GLN A 368 -21.53 -19.82 8.20
C GLN A 368 -20.26 -19.15 8.71
N VAL A 369 -20.28 -17.84 8.91
CA VAL A 369 -19.10 -17.12 9.36
C VAL A 369 -19.17 -16.86 10.88
N THR A 370 -18.73 -17.87 11.63
CA THR A 370 -18.77 -17.89 13.08
C THR A 370 -17.34 -17.98 13.64
N PRO A 371 -17.02 -17.48 14.87
CA PRO A 371 -15.63 -17.58 15.36
C PRO A 371 -15.08 -19.00 15.41
N GLU A 372 -15.96 -19.98 15.71
CA GLU A 372 -15.62 -21.41 15.74
C GLU A 372 -15.30 -21.82 14.31
N SER A 373 -16.21 -21.43 13.39
CA SER A 373 -16.19 -21.66 11.95
C SER A 373 -14.96 -21.05 11.25
N LEU A 374 -14.38 -19.99 11.82
CA LEU A 374 -13.22 -19.34 11.22
C LEU A 374 -11.91 -19.95 11.65
N GLU A 375 -11.76 -20.26 12.95
CA GLU A 375 -10.51 -20.85 13.43
C GLU A 375 -10.11 -22.15 12.74
N SER A 376 -11.11 -22.99 12.41
CA SER A 376 -10.94 -24.22 11.66
C SER A 376 -12.30 -24.58 11.03
N GLY A 377 -12.51 -24.12 9.80
CA GLY A 377 -13.76 -24.39 9.09
C GLY A 377 -14.01 -23.60 7.82
N GLU A 378 -15.10 -23.96 7.13
CA GLU A 378 -15.53 -23.37 5.85
C GLU A 378 -15.95 -21.87 5.91
N GLY A 379 -15.87 -21.28 7.10
CA GLY A 379 -16.19 -19.89 7.38
C GLY A 379 -15.17 -18.97 6.73
N VAL A 380 -13.96 -19.46 6.62
CA VAL A 380 -12.89 -18.74 5.95
C VAL A 380 -13.20 -18.62 4.41
N GLY A 381 -13.58 -19.74 3.79
CA GLY A 381 -13.92 -19.84 2.38
C GLY A 381 -15.13 -19.00 1.99
N VAL A 382 -16.09 -18.79 2.93
CA VAL A 382 -17.25 -17.95 2.59
C VAL A 382 -16.80 -16.47 2.48
N PHE A 383 -16.09 -15.98 3.52
CA PHE A 383 -15.52 -14.62 3.58
C PHE A 383 -14.62 -14.34 2.40
N ASN A 384 -13.75 -15.29 2.06
CA ASN A 384 -12.86 -15.17 0.91
C ASN A 384 -13.56 -15.06 -0.45
N THR A 385 -14.58 -15.91 -0.74
CA THR A 385 -15.28 -15.83 -2.05
C THR A 385 -16.03 -14.53 -2.22
N LEU A 386 -16.64 -14.06 -1.12
CA LEU A 386 -17.42 -12.82 -1.12
C LEU A 386 -16.51 -11.59 -1.24
N THR A 387 -15.28 -11.67 -0.70
CA THR A 387 -14.29 -10.58 -0.81
C THR A 387 -13.81 -10.51 -2.27
N THR A 388 -13.48 -11.67 -2.86
CA THR A 388 -13.09 -11.80 -4.26
C THR A 388 -14.21 -11.23 -5.17
N LEU A 389 -15.46 -11.71 -4.98
CA LEU A 389 -16.58 -11.23 -5.76
C LEU A 389 -16.87 -9.74 -5.53
N PHE A 390 -16.46 -9.18 -4.36
CA PHE A 390 -16.63 -7.74 -4.08
C PHE A 390 -15.65 -6.97 -4.96
N LYS A 391 -14.38 -7.42 -5.00
CA LYS A 391 -13.31 -6.83 -5.81
C LYS A 391 -13.59 -6.90 -7.33
N THR A 392 -14.09 -8.06 -7.81
CA THR A 392 -14.36 -8.32 -9.23
C THR A 392 -15.70 -7.81 -9.77
N HIS A 393 -16.75 -7.77 -8.91
CA HIS A 393 -18.10 -7.40 -9.37
C HIS A 393 -18.67 -6.15 -8.73
N VAL A 394 -18.83 -6.14 -7.39
CA VAL A 394 -19.44 -5.07 -6.59
C VAL A 394 -18.78 -3.72 -6.75
N LEU A 395 -17.46 -3.62 -6.47
CA LEU A 395 -16.67 -2.38 -6.56
C LEU A 395 -16.61 -1.80 -7.98
N PRO A 396 -16.22 -2.56 -9.05
CA PRO A 396 -16.21 -1.95 -10.40
C PRO A 396 -17.59 -1.54 -10.90
N THR A 397 -18.62 -2.38 -10.62
CA THR A 397 -20.02 -2.08 -10.96
C THR A 397 -20.50 -1.14 -9.87
N TYR A 398 -20.04 0.10 -9.95
CA TYR A 398 -20.36 1.14 -8.98
C TYR A 398 -21.84 1.53 -9.09
N TYR A 399 -22.28 2.41 -8.19
CA TYR A 399 -23.64 2.95 -8.12
C TYR A 399 -24.73 1.94 -7.79
N THR A 400 -24.38 0.89 -7.01
CA THR A 400 -25.32 -0.13 -6.55
C THR A 400 -25.80 0.23 -5.16
N ARG A 401 -27.10 0.06 -4.88
CA ARG A 401 -27.63 0.48 -3.59
C ARG A 401 -27.60 -0.56 -2.46
N SER A 402 -27.57 -1.87 -2.76
CA SER A 402 -27.61 -2.85 -1.66
C SER A 402 -26.61 -3.98 -1.71
N ILE A 403 -26.16 -4.40 -2.90
CA ILE A 403 -25.24 -5.56 -2.99
C ILE A 403 -24.09 -5.56 -1.97
N GLN A 404 -23.37 -4.41 -1.88
CA GLN A 404 -22.22 -4.14 -1.00
C GLN A 404 -22.51 -4.36 0.47
N TYR A 405 -23.79 -4.53 0.84
CA TYR A 405 -24.13 -4.80 2.23
C TYR A 405 -23.81 -6.24 2.68
N ILE A 406 -23.54 -7.15 1.70
CA ILE A 406 -23.09 -8.52 2.01
C ILE A 406 -21.73 -8.36 2.70
N MET A 407 -20.84 -7.53 2.09
CA MET A 407 -19.52 -7.17 2.61
C MET A 407 -19.60 -6.38 3.92
N PHE A 408 -20.50 -5.40 4.00
CA PHE A 408 -20.72 -4.61 5.22
C PHE A 408 -21.05 -5.54 6.39
N HIS A 409 -22.00 -6.48 6.19
CA HIS A 409 -22.48 -7.42 7.17
C HIS A 409 -21.46 -8.43 7.64
N VAL A 410 -20.80 -9.15 6.69
CA VAL A 410 -19.84 -10.22 6.99
C VAL A 410 -18.60 -9.69 7.72
N SER A 411 -18.11 -8.50 7.31
CA SER A 411 -17.01 -7.76 7.87
C SER A 411 -17.10 -7.75 9.38
N GLN A 412 -18.24 -7.25 9.86
CA GLN A 412 -18.52 -7.00 11.24
C GLN A 412 -18.80 -8.20 12.13
N GLN A 413 -18.69 -9.41 11.56
CA GLN A 413 -18.89 -10.62 12.33
C GLN A 413 -17.80 -10.85 13.37
N GLN A 414 -16.53 -10.49 13.05
CA GLN A 414 -15.36 -10.63 13.93
C GLN A 414 -14.30 -9.56 13.63
N LEU A 415 -13.49 -9.18 14.67
CA LEU A 415 -12.40 -8.18 14.58
C LEU A 415 -11.52 -8.37 13.35
N GLU A 416 -11.03 -9.58 13.12
CA GLU A 416 -10.17 -9.98 12.00
C GLU A 416 -10.81 -9.73 10.64
N LEU A 417 -12.13 -9.97 10.50
CA LEU A 417 -12.81 -9.79 9.22
C LEU A 417 -12.91 -8.33 8.86
N MET A 418 -13.13 -7.47 9.86
CA MET A 418 -13.10 -6.03 9.60
C MET A 418 -11.66 -5.59 9.25
N ASP A 419 -10.63 -6.16 9.91
CA ASP A 419 -9.21 -5.88 9.65
C ASP A 419 -8.86 -6.13 8.19
N SER A 420 -9.22 -7.34 7.68
CA SER A 420 -9.01 -7.76 6.30
C SER A 420 -9.75 -6.80 5.35
N PHE A 421 -11.02 -6.45 5.66
CA PHE A 421 -11.77 -5.55 4.79
C PHE A 421 -11.13 -4.16 4.68
N LEU A 422 -10.77 -3.55 5.85
CA LEU A 422 -10.07 -2.28 5.95
C LEU A 422 -8.79 -2.30 5.14
N VAL A 423 -7.86 -3.24 5.41
CA VAL A 423 -6.60 -3.32 4.66
C VAL A 423 -6.82 -3.50 3.14
N THR A 424 -7.87 -4.28 2.75
CA THR A 424 -8.23 -4.49 1.35
C THR A 424 -8.65 -3.16 0.75
N LEU A 425 -9.49 -2.42 1.48
CA LEU A 425 -9.93 -1.11 1.02
C LEU A 425 -8.74 -0.13 0.95
N ILE A 426 -7.78 -0.23 1.89
CA ILE A 426 -6.61 0.64 1.85
C ILE A 426 -5.75 0.34 0.64
N ASP A 427 -5.51 -0.93 0.37
CA ASP A 427 -4.73 -1.40 -0.77
C ASP A 427 -5.26 -0.85 -2.09
N ILE A 428 -6.52 -1.14 -2.42
CA ILE A 428 -7.19 -0.67 -3.64
C ILE A 428 -7.20 0.88 -3.76
N SER A 429 -7.38 1.57 -2.63
CA SER A 429 -7.41 3.02 -2.51
C SER A 429 -6.08 3.68 -2.87
N PHE A 430 -4.95 3.04 -2.56
CA PHE A 430 -3.61 3.62 -2.74
C PHE A 430 -2.62 2.81 -3.57
N ALA A 431 -3.07 1.77 -4.29
CA ALA A 431 -2.17 0.94 -5.10
C ALA A 431 -1.69 1.72 -6.31
N VAL A 432 -0.39 1.55 -6.63
CA VAL A 432 0.31 2.29 -7.68
C VAL A 432 -0.16 2.02 -9.12
N ASN A 433 -0.44 0.78 -9.47
CA ASN A 433 -0.88 0.48 -10.84
C ASN A 433 -2.38 0.56 -11.13
N GLU A 434 -3.25 0.60 -10.08
CA GLU A 434 -4.71 0.73 -10.25
C GLU A 434 -5.07 2.03 -10.98
N ALA A 435 -6.19 2.01 -11.71
CA ALA A 435 -6.70 3.18 -12.41
C ALA A 435 -7.21 4.22 -11.38
N ALA A 436 -7.11 5.53 -11.72
CA ALA A 436 -7.56 6.62 -10.85
C ALA A 436 -9.02 6.44 -10.42
N GLU A 437 -9.88 5.97 -11.36
CA GLU A 437 -11.31 5.69 -11.17
C GLU A 437 -11.49 4.71 -10.02
N LYS A 438 -10.76 3.57 -10.05
CA LYS A 438 -10.81 2.51 -9.05
C LYS A 438 -10.40 3.03 -7.66
N LYS A 439 -9.32 3.86 -7.62
CA LYS A 439 -8.81 4.48 -6.39
C LYS A 439 -9.82 5.44 -5.78
N ILE A 440 -10.51 6.25 -6.60
CA ILE A 440 -11.54 7.18 -6.12
C ILE A 440 -12.78 6.41 -5.59
N LYS A 441 -13.20 5.33 -6.32
CA LYS A 441 -14.32 4.47 -5.95
C LYS A 441 -14.04 3.77 -4.59
N SER A 442 -12.79 3.24 -4.39
CA SER A 442 -12.34 2.59 -3.15
C SER A 442 -12.29 3.58 -2.00
N LEU A 443 -11.79 4.81 -2.27
CA LEU A 443 -11.72 5.86 -1.26
C LEU A 443 -13.09 6.27 -0.75
N GLN A 444 -14.11 6.25 -1.63
CA GLN A 444 -15.49 6.50 -1.26
C GLN A 444 -16.04 5.32 -0.46
N TYR A 445 -15.60 4.09 -0.79
CA TYR A 445 -15.98 2.87 -0.05
C TYR A 445 -15.39 2.92 1.36
N LEU A 446 -14.10 3.36 1.48
CA LEU A 446 -13.34 3.45 2.73
C LEU A 446 -13.96 4.40 3.75
N GLY A 447 -14.20 5.64 3.31
CA GLY A 447 -14.84 6.70 4.09
C GLY A 447 -16.24 6.34 4.56
N SER A 448 -17.11 5.84 3.63
CA SER A 448 -18.48 5.41 3.96
C SER A 448 -18.45 4.24 4.96
N TYR A 449 -17.50 3.32 4.79
CA TYR A 449 -17.35 2.19 5.69
C TYR A 449 -17.02 2.60 7.13
N ILE A 450 -15.89 3.34 7.34
CA ILE A 450 -15.46 3.76 8.67
C ILE A 450 -16.58 4.53 9.48
N ALA A 451 -17.27 5.43 8.77
CA ALA A 451 -18.36 6.28 9.24
C ALA A 451 -19.53 5.47 9.72
N ARG A 452 -19.89 4.40 8.94
CA ARG A 452 -21.08 3.58 9.14
C ARG A 452 -20.99 2.31 9.93
N ALA A 453 -19.95 1.50 9.74
CA ALA A 453 -19.81 0.20 10.40
C ALA A 453 -19.73 0.32 11.94
N LYS A 454 -20.87 0.05 12.62
CA LYS A 454 -21.06 0.14 14.08
C LYS A 454 -20.12 -0.71 14.92
N LYS A 455 -19.88 -1.98 14.52
CA LYS A 455 -19.01 -2.90 15.27
C LYS A 455 -17.50 -2.54 15.27
N LEU A 456 -17.11 -1.41 14.65
CA LEU A 456 -15.69 -1.00 14.60
C LEU A 456 -15.17 -0.52 15.93
N SER A 457 -13.88 -0.73 16.15
CA SER A 457 -13.26 -0.31 17.38
C SER A 457 -12.67 1.09 17.19
N ARG A 458 -12.54 1.84 18.30
CA ARG A 458 -11.94 3.17 18.30
C ARG A 458 -10.56 3.09 17.59
N THR A 459 -9.76 2.07 17.96
CA THR A 459 -8.43 1.81 17.43
C THR A 459 -8.41 1.51 15.91
N GLN A 460 -9.42 0.79 15.43
CA GLN A 460 -9.59 0.50 14.01
C GLN A 460 -9.90 1.81 13.26
N ILE A 461 -10.77 2.69 13.84
CA ILE A 461 -11.15 3.97 13.25
C ILE A 461 -9.94 4.91 13.16
N ILE A 462 -9.22 5.06 14.28
CA ILE A 462 -7.99 5.87 14.38
C ILE A 462 -6.95 5.29 13.42
N PHE A 463 -6.95 3.96 13.20
CA PHE A 463 -6.00 3.38 12.25
C PHE A 463 -6.22 4.01 10.87
N VAL A 464 -7.47 4.02 10.37
CA VAL A 464 -7.76 4.62 9.06
C VAL A 464 -7.43 6.12 9.01
N ALA A 465 -7.76 6.88 10.10
CA ALA A 465 -7.45 8.32 10.24
C ALA A 465 -5.95 8.54 10.26
N SER A 466 -5.21 7.63 10.90
CA SER A 466 -3.76 7.71 10.95
C SER A 466 -3.16 7.46 9.58
N TYR A 467 -3.70 6.48 8.84
CA TYR A 467 -3.19 6.21 7.50
C TYR A 467 -3.41 7.40 6.59
N LEU A 468 -4.66 7.91 6.58
CA LEU A 468 -5.10 9.02 5.74
C LEU A 468 -4.32 10.28 6.00
N THR A 469 -4.16 10.67 7.30
CA THR A 469 -3.41 11.89 7.67
C THR A 469 -1.98 11.75 7.32
N SER A 470 -1.41 10.57 7.52
CA SER A 470 0.00 10.34 7.22
C SER A 470 0.23 10.41 5.72
N TRP A 471 -0.64 9.74 4.94
CA TRP A 471 -0.59 9.76 3.48
C TRP A 471 -0.74 11.18 2.91
N LEU A 472 -1.65 11.98 3.50
CA LEU A 472 -1.94 13.36 3.06
C LEU A 472 -0.87 14.32 3.44
N ASN A 473 -0.25 14.12 4.63
CA ASN A 473 0.87 14.92 5.13
C ASN A 473 2.01 14.81 4.15
N ARG A 474 2.32 13.59 3.73
CA ARG A 474 3.35 13.30 2.72
C ARG A 474 3.05 13.95 1.35
N TYR A 475 1.80 13.83 0.85
CA TYR A 475 1.35 14.38 -0.43
C TYR A 475 1.65 15.90 -0.50
N VAL A 476 1.35 16.67 0.57
CA VAL A 476 1.66 18.12 0.57
C VAL A 476 3.18 18.42 0.57
N ILE A 477 3.94 17.69 1.42
CA ILE A 477 5.39 17.81 1.53
C ILE A 477 6.05 17.53 0.17
N GLU A 478 5.74 16.38 -0.43
CA GLU A 478 6.33 15.95 -1.71
C GLU A 478 5.82 16.65 -2.95
N ARG A 479 4.51 17.02 -2.99
CA ARG A 479 3.83 17.49 -4.19
C ARG A 479 3.26 18.91 -4.31
N GLU A 480 3.13 19.69 -3.21
CA GLU A 480 2.58 21.05 -3.28
C GLU A 480 3.25 21.94 -4.35
N GLU A 481 4.57 21.75 -4.55
CA GLU A 481 5.43 22.45 -5.54
C GLU A 481 4.93 22.30 -6.98
N GLU A 482 4.18 21.22 -7.26
CA GLU A 482 3.65 20.93 -8.59
C GLU A 482 2.41 21.77 -8.95
N VAL A 483 1.74 22.38 -7.94
CA VAL A 483 0.49 23.15 -8.13
C VAL A 483 0.67 24.39 -9.06
N ASP A 484 1.67 25.27 -8.77
CA ASP A 484 2.00 26.45 -9.59
C ASP A 484 2.73 26.05 -10.90
N GLN A 485 2.94 24.75 -11.11
CA GLN A 485 3.58 24.24 -12.32
C GLN A 485 2.51 23.91 -13.35
N ARG A 486 2.94 23.68 -14.62
CA ARG A 486 2.09 23.37 -15.76
C ARG A 486 1.22 22.14 -15.47
N GLY A 487 -0.05 22.24 -15.84
CA GLY A 487 -1.07 21.23 -15.60
C GLY A 487 -2.12 21.80 -14.67
N GLY A 488 -3.29 21.19 -14.68
CA GLY A 488 -4.41 21.64 -13.85
C GLY A 488 -4.56 20.91 -12.53
N MET A 489 -5.66 21.20 -11.82
CA MET A 489 -5.94 20.56 -10.53
C MET A 489 -6.42 19.12 -10.66
N GLU A 490 -6.69 18.63 -11.90
CA GLU A 490 -7.08 17.24 -12.13
C GLU A 490 -5.97 16.29 -11.76
N ARG A 491 -4.69 16.75 -11.83
CA ARG A 491 -3.49 16.01 -11.47
C ARG A 491 -3.58 15.46 -10.04
N PHE A 492 -4.30 16.19 -9.17
CA PHE A 492 -4.44 15.91 -7.74
C PHE A 492 -5.76 15.26 -7.31
N LYS A 493 -6.51 14.66 -8.29
CA LYS A 493 -7.77 13.90 -8.13
C LYS A 493 -7.72 13.03 -6.84
N HIS A 494 -6.63 12.27 -6.70
CA HIS A 494 -6.35 11.30 -5.64
C HIS A 494 -6.17 11.98 -4.28
N PHE A 495 -5.63 13.19 -4.28
CA PHE A 495 -5.47 13.95 -3.03
C PHE A 495 -6.84 14.33 -2.50
N TYR A 496 -7.70 14.90 -3.39
CA TYR A 496 -9.08 15.29 -3.09
C TYR A 496 -9.88 14.12 -2.60
N ALA A 497 -9.78 12.98 -3.31
CA ALA A 497 -10.45 11.73 -2.96
C ALA A 497 -10.11 11.29 -1.51
N ALA A 498 -8.80 11.22 -1.17
CA ALA A 498 -8.32 10.82 0.17
C ALA A 498 -8.73 11.82 1.26
N PHE A 499 -8.66 13.14 0.96
CA PHE A 499 -9.07 14.21 1.90
C PHE A 499 -10.59 14.18 2.16
N GLN A 500 -11.40 13.86 1.13
CA GLN A 500 -12.85 13.73 1.29
C GLN A 500 -13.17 12.57 2.25
N ALA A 501 -12.55 11.40 1.99
CA ALA A 501 -12.70 10.18 2.80
C ALA A 501 -12.44 10.47 4.28
N LEU A 502 -11.42 11.30 4.59
CA LEU A 502 -11.10 11.65 5.98
C LEU A 502 -12.13 12.63 6.53
N CYS A 503 -12.49 13.64 5.72
CA CYS A 503 -13.49 14.60 6.13
C CYS A 503 -14.80 13.94 6.52
N TYR A 504 -15.27 13.02 5.67
CA TYR A 504 -16.48 12.24 5.89
C TYR A 504 -16.42 11.47 7.22
N ILE A 505 -15.29 10.74 7.46
CA ILE A 505 -15.02 9.96 8.68
C ILE A 505 -15.17 10.89 9.90
N PHE A 506 -14.53 12.08 9.87
CA PHE A 506 -14.63 13.09 10.93
C PHE A 506 -16.06 13.57 11.14
N CYS A 507 -16.88 13.65 10.09
CA CYS A 507 -18.27 14.07 10.23
C CYS A 507 -19.05 13.13 11.15
N PHE A 508 -18.83 11.83 10.99
CA PHE A 508 -19.47 10.75 11.71
C PHE A 508 -18.74 10.32 12.98
N ARG A 509 -17.40 10.57 13.07
CA ARG A 509 -16.59 10.09 14.19
C ARG A 509 -15.84 11.13 15.04
N HIS A 510 -15.94 12.44 14.74
CA HIS A 510 -15.24 13.50 15.50
C HIS A 510 -15.18 13.27 17.02
N ASN A 511 -16.31 12.87 17.63
CA ASN A 511 -16.46 12.56 19.05
C ASN A 511 -15.38 11.55 19.58
N ILE A 512 -15.02 10.53 18.75
CA ILE A 512 -14.01 9.49 19.02
C ILE A 512 -12.57 10.03 19.02
N PHE A 513 -12.28 11.02 18.17
CA PHE A 513 -10.94 11.58 18.01
C PHE A 513 -10.45 12.46 19.16
N ARG A 514 -11.34 12.77 20.11
CA ARG A 514 -11.00 13.54 21.31
C ARG A 514 -10.56 12.54 22.36
N ASP A 515 -9.25 12.54 22.69
CA ASP A 515 -8.66 11.63 23.67
C ASP A 515 -9.07 12.01 25.13
N THR A 516 -8.72 11.13 26.12
CA THR A 516 -9.01 11.29 27.56
C THR A 516 -8.65 12.69 28.10
N ASP A 517 -7.51 13.26 27.61
CA ASP A 517 -6.98 14.58 27.98
C ASP A 517 -7.70 15.74 27.25
N GLY A 518 -8.63 15.41 26.35
CA GLY A 518 -9.38 16.40 25.57
C GLY A 518 -8.64 16.87 24.33
N ASN A 519 -7.47 16.25 24.05
CA ASN A 519 -6.65 16.55 22.88
C ASN A 519 -7.12 15.73 21.67
N TRP A 520 -6.85 16.23 20.47
CA TRP A 520 -7.26 15.58 19.23
C TRP A 520 -6.24 14.55 18.75
N GLU A 521 -6.71 13.32 18.44
CA GLU A 521 -5.88 12.24 17.88
C GLU A 521 -5.43 12.71 16.50
N CYS A 522 -4.26 12.25 16.04
CA CYS A 522 -3.68 12.61 14.72
C CYS A 522 -3.52 14.13 14.48
N GLU A 523 -3.53 14.93 15.58
CA GLU A 523 -3.40 16.39 15.60
C GLU A 523 -4.33 17.05 14.60
N LEU A 524 -5.57 16.54 14.51
CA LEU A 524 -6.61 17.03 13.61
C LEU A 524 -6.88 18.52 13.75
N ASP A 525 -6.59 19.11 14.93
CA ASP A 525 -6.78 20.54 15.22
C ASP A 525 -5.63 21.40 14.66
N LYS A 526 -4.69 20.76 13.97
CA LYS A 526 -3.55 21.41 13.34
C LYS A 526 -3.48 20.91 11.86
N PHE A 527 -3.81 19.61 11.63
CA PHE A 527 -3.79 18.92 10.34
C PHE A 527 -4.74 19.52 9.29
N PHE A 528 -6.04 19.57 9.60
CA PHE A 528 -7.05 20.03 8.67
C PHE A 528 -6.77 21.38 8.14
N GLN A 529 -6.46 22.30 9.05
CA GLN A 529 -6.15 23.69 8.70
C GLN A 529 -5.03 23.75 7.67
N ARG A 530 -3.98 22.90 7.87
CA ARG A 530 -2.83 22.81 6.97
C ARG A 530 -3.26 22.45 5.53
N MET A 531 -4.24 21.55 5.40
CA MET A 531 -4.72 21.10 4.11
C MET A 531 -5.57 22.15 3.44
N VAL A 532 -6.56 22.61 4.16
CA VAL A 532 -7.53 23.62 3.77
C VAL A 532 -6.90 24.92 3.17
N ILE A 533 -5.73 25.32 3.72
CA ILE A 533 -4.96 26.51 3.34
C ILE A 533 -3.90 26.23 2.26
N SER A 534 -3.61 24.94 1.99
CA SER A 534 -2.65 24.47 0.99
C SER A 534 -2.99 24.93 -0.41
N LYS A 535 -2.02 24.78 -1.33
CA LYS A 535 -2.19 25.19 -2.73
C LYS A 535 -3.20 24.33 -3.44
N PHE A 536 -3.45 23.09 -2.95
CA PHE A 536 -4.44 22.18 -3.55
C PHE A 536 -5.86 22.73 -3.41
N ASN A 537 -6.14 23.48 -2.31
CA ASN A 537 -7.46 24.06 -2.01
C ASN A 537 -8.54 22.96 -2.16
N PRO A 538 -8.46 21.90 -1.35
CA PRO A 538 -9.42 20.81 -1.47
C PRO A 538 -10.90 21.17 -1.29
N LEU A 539 -11.20 22.29 -0.58
CA LEU A 539 -12.58 22.73 -0.34
C LEU A 539 -13.29 23.00 -1.66
N LYS A 540 -12.54 23.51 -2.65
CA LYS A 540 -13.05 23.86 -3.98
C LYS A 540 -13.32 22.62 -4.83
N PHE A 541 -12.48 21.57 -4.65
CA PHE A 541 -12.56 20.37 -5.49
C PHE A 541 -13.22 19.12 -4.96
N CYS A 542 -13.60 19.08 -3.68
CA CYS A 542 -14.29 17.92 -3.12
C CYS A 542 -15.82 18.13 -3.17
N ASN A 543 -16.60 17.09 -2.80
CA ASN A 543 -18.06 17.13 -2.78
C ASN A 543 -18.54 18.32 -1.91
N GLU A 544 -19.32 19.23 -2.52
CA GLU A 544 -19.82 20.47 -1.91
C GLU A 544 -20.51 20.29 -0.56
N ASN A 545 -21.39 19.28 -0.45
CA ASN A 545 -22.15 18.97 0.77
C ASN A 545 -21.27 18.37 1.87
N VAL A 546 -20.30 17.52 1.49
CA VAL A 546 -19.36 16.96 2.48
C VAL A 546 -18.48 18.14 3.02
N MET A 547 -17.98 19.01 2.11
CA MET A 547 -17.17 20.16 2.50
C MET A 547 -17.90 21.12 3.42
N LEU A 548 -19.20 21.35 3.14
CA LEU A 548 -20.08 22.22 3.92
C LEU A 548 -20.34 21.66 5.32
N MET A 549 -20.61 20.33 5.42
CA MET A 549 -20.88 19.64 6.68
C MET A 549 -19.60 19.58 7.50
N PHE A 550 -18.48 19.29 6.82
CA PHE A 550 -17.18 19.27 7.46
C PHE A 550 -16.91 20.65 8.06
N ALA A 551 -17.02 21.71 7.24
CA ALA A 551 -16.81 23.08 7.66
C ALA A 551 -17.65 23.42 8.89
N ARG A 552 -18.93 22.98 8.89
CA ARG A 552 -19.83 23.21 10.00
C ARG A 552 -19.27 22.56 11.29
N ILE A 553 -19.07 21.21 11.28
CA ILE A 553 -18.56 20.44 12.41
C ILE A 553 -17.18 20.90 12.87
N ALA A 554 -16.21 21.06 11.92
CA ALA A 554 -14.82 21.47 12.20
C ALA A 554 -14.76 22.84 12.88
N GLN A 555 -15.68 23.76 12.54
CA GLN A 555 -15.74 25.08 13.16
C GLN A 555 -16.27 24.95 14.59
N GLN A 556 -17.30 24.09 14.79
CA GLN A 556 -17.90 23.83 16.10
C GLN A 556 -16.89 23.25 17.09
N GLU A 557 -16.13 22.21 16.64
CA GLU A 557 -15.11 21.48 17.41
C GLU A 557 -13.79 22.26 17.61
N SER A 558 -13.73 23.51 17.10
CA SER A 558 -12.56 24.42 17.10
C SER A 558 -11.35 23.76 16.40
N VAL A 559 -11.62 22.79 15.50
CA VAL A 559 -10.67 21.98 14.72
C VAL A 559 -10.07 22.75 13.52
N ALA A 560 -10.94 23.31 12.65
CA ALA A 560 -10.54 24.08 11.47
C ALA A 560 -11.58 25.18 11.11
N TYR A 561 -11.12 26.23 10.40
CA TYR A 561 -11.94 27.39 9.98
C TYR A 561 -11.87 27.52 8.45
N CYS A 562 -12.95 27.03 7.79
CA CYS A 562 -13.12 26.85 6.35
C CYS A 562 -13.96 27.89 5.65
N PHE A 563 -14.98 28.42 6.35
CA PHE A 563 -15.98 29.34 5.80
C PHE A 563 -15.50 30.54 5.01
N SER A 564 -14.31 31.11 5.33
CA SER A 564 -13.74 32.24 4.56
C SER A 564 -13.19 31.73 3.23
N ILE A 565 -12.50 30.55 3.25
CA ILE A 565 -11.99 29.89 2.04
C ILE A 565 -13.18 29.52 1.13
N ILE A 566 -14.30 29.03 1.72
CA ILE A 566 -15.50 28.71 0.97
C ILE A 566 -16.07 29.99 0.35
N GLU A 567 -16.14 31.09 1.14
CA GLU A 567 -16.64 32.39 0.65
C GLU A 567 -15.80 32.81 -0.57
N ASN A 568 -14.47 32.78 -0.43
CA ASN A 568 -13.50 33.13 -1.47
C ASN A 568 -13.69 32.31 -2.73
N ASN A 569 -13.93 31.00 -2.57
CA ASN A 569 -14.14 30.05 -3.67
C ASN A 569 -15.44 30.33 -4.41
N ASN A 570 -16.56 30.62 -3.70
CA ASN A 570 -17.87 30.95 -4.31
C ASN A 570 -17.77 32.26 -5.09
N ASN A 571 -17.03 33.26 -4.55
CA ASN A 571 -16.83 34.57 -5.16
C ASN A 571 -16.00 34.51 -6.43
N GLU A 572 -14.91 33.74 -6.42
CA GLU A 572 -14.06 33.53 -7.60
C GLU A 572 -14.88 32.84 -8.72
N ARG A 573 -15.71 31.84 -8.34
CA ARG A 573 -16.62 31.10 -9.22
C ARG A 573 -17.64 32.06 -9.88
N LEU A 574 -18.21 33.00 -9.09
CA LEU A 574 -19.19 34.00 -9.53
C LEU A 574 -18.60 34.96 -10.56
N ARG A 575 -17.31 35.36 -10.40
CA ARG A 575 -16.62 36.23 -11.36
C ARG A 575 -16.66 35.62 -12.79
N GLY A 576 -16.49 34.30 -12.88
CA GLY A 576 -16.55 33.54 -14.12
C GLY A 576 -17.92 32.92 -14.38
N SER A 597 -6.53 28.47 -10.28
CA SER A 597 -6.75 27.03 -10.50
C SER A 597 -7.85 26.73 -11.56
N SER A 598 -7.64 25.66 -12.36
CA SER A 598 -8.56 25.22 -13.42
C SER A 598 -8.55 23.70 -13.66
N TRP A 599 -9.69 23.14 -14.13
CA TRP A 599 -9.92 21.71 -14.37
C TRP A 599 -10.93 21.55 -15.49
N SER A 600 -10.54 20.77 -16.53
CA SER A 600 -11.34 20.49 -17.74
C SER A 600 -12.72 19.90 -17.39
N LEU A 601 -13.78 20.71 -17.62
CA LEU A 601 -15.21 20.44 -17.31
C LEU A 601 -15.80 19.08 -17.76
N ALA A 602 -15.15 18.41 -18.74
CA ALA A 602 -15.54 17.08 -19.24
C ALA A 602 -15.22 16.00 -18.20
N THR A 603 -13.92 15.87 -17.82
CA THR A 603 -13.37 14.92 -16.83
C THR A 603 -13.82 15.25 -15.39
N ARG A 604 -14.13 16.53 -15.15
CA ARG A 604 -14.57 17.13 -13.89
C ARG A 604 -15.87 16.50 -13.40
N GLN A 605 -16.88 16.37 -14.28
CA GLN A 605 -18.18 15.80 -13.92
C GLN A 605 -18.08 14.36 -13.44
N GLN A 606 -17.28 13.50 -14.12
CA GLN A 606 -17.09 12.10 -13.71
C GLN A 606 -16.64 12.05 -12.26
N PHE A 607 -15.71 12.95 -11.88
CA PHE A 607 -15.16 13.06 -10.53
C PHE A 607 -16.21 13.50 -9.52
N ILE A 608 -17.01 14.56 -9.88
CA ILE A 608 -18.12 15.10 -9.07
C ILE A 608 -19.13 13.97 -8.79
N ASP A 609 -19.41 13.11 -9.79
CA ASP A 609 -20.33 11.98 -9.66
C ASP A 609 -19.79 10.91 -8.74
N LEU A 610 -18.50 10.55 -8.88
CA LEU A 610 -17.84 9.55 -8.04
C LEU A 610 -17.80 9.96 -6.57
N GLN A 611 -17.60 11.27 -6.31
CA GLN A 611 -17.55 11.79 -4.94
C GLN A 611 -18.90 11.99 -4.29
N SER A 612 -19.96 11.98 -5.10
CA SER A 612 -21.34 12.15 -4.65
C SER A 612 -21.88 10.84 -4.17
N TYR A 613 -21.34 9.72 -4.69
CA TYR A 613 -21.79 8.38 -4.37
C TYR A 613 -21.14 7.84 -3.11
N PHE A 614 -21.97 7.54 -2.10
CA PHE A 614 -21.55 6.94 -0.83
C PHE A 614 -22.19 5.55 -0.75
N PRO A 615 -21.38 4.47 -0.86
CA PRO A 615 -21.97 3.12 -0.90
C PRO A 615 -22.74 2.69 0.32
N TYR A 616 -22.38 3.19 1.51
CA TYR A 616 -23.10 2.77 2.73
C TYR A 616 -24.10 3.77 3.29
N ASP A 617 -24.66 4.60 2.37
CA ASP A 617 -25.79 5.51 2.64
C ASP A 617 -27.00 4.61 2.96
N PRO A 618 -28.03 5.06 3.69
CA PRO A 618 -29.09 4.12 4.12
C PRO A 618 -29.71 3.15 3.12
N LEU A 619 -30.06 1.98 3.65
CA LEU A 619 -30.76 0.92 2.96
C LEU A 619 -32.27 1.28 2.99
N PHE A 620 -32.99 1.06 1.88
CA PHE A 620 -34.44 1.34 1.82
C PHE A 620 -35.26 0.06 1.71
N LEU A 621 -34.55 -1.05 1.66
CA LEU A 621 -35.10 -2.35 1.45
C LEU A 621 -35.47 -2.75 2.81
N LYS A 622 -36.74 -3.07 3.03
CA LYS A 622 -37.28 -3.09 4.36
C LYS A 622 -36.80 -4.10 5.39
N ASN A 623 -36.73 -5.36 5.05
CA ASN A 623 -36.26 -6.32 6.02
C ASN A 623 -34.76 -6.29 6.33
N TYR A 624 -33.98 -6.21 5.26
CA TYR A 624 -32.53 -6.06 5.27
C TYR A 624 -32.08 -4.88 6.13
N LYS A 625 -32.89 -3.79 6.16
CA LYS A 625 -32.63 -2.61 7.00
C LYS A 625 -32.64 -3.02 8.47
N ILE A 626 -33.70 -3.76 8.89
CA ILE A 626 -33.90 -4.28 10.25
C ILE A 626 -32.72 -5.17 10.71
N LEU A 627 -32.22 -6.03 9.79
CA LEU A 627 -31.11 -6.95 10.02
C LEU A 627 -29.80 -6.15 10.26
N MET A 628 -29.63 -4.97 9.58
CA MET A 628 -28.46 -4.10 9.66
C MET A 628 -28.40 -3.18 10.84
N LYS A 629 -29.54 -2.79 11.45
CA LYS A 629 -29.55 -1.82 12.54
C LYS A 629 -28.40 -1.94 13.56
N GLU A 630 -28.13 -3.18 13.98
CA GLU A 630 -27.10 -3.65 14.91
C GLU A 630 -25.65 -3.33 14.43
N TYR A 631 -25.45 -3.35 13.09
CA TYR A 631 -24.19 -3.08 12.36
C TYR A 631 -24.11 -1.66 11.73
N TYR A 632 -25.20 -0.87 11.82
CA TYR A 632 -25.32 0.46 11.21
C TYR A 632 -25.39 1.68 12.14
N ILE A 633 -24.75 2.79 11.70
CA ILE A 633 -24.82 4.10 12.34
C ILE A 633 -25.57 5.07 11.39
N GLU A 634 -26.82 5.42 11.71
CA GLU A 634 -27.58 6.41 10.92
C GLU A 634 -27.01 7.79 11.28
N TRP A 635 -27.23 8.82 10.45
CA TRP A 635 -26.74 10.18 10.78
C TRP A 635 -27.29 10.67 12.13
N SER A 636 -28.52 10.26 12.49
CA SER A 636 -29.14 10.63 13.76
C SER A 636 -28.28 10.18 14.98
N GLU A 637 -27.70 8.97 14.93
CA GLU A 637 -26.84 8.45 16.00
C GLU A 637 -25.51 9.21 16.07
N ALA A 638 -24.84 9.37 14.92
CA ALA A 638 -23.57 10.10 14.77
C ALA A 638 -23.66 11.56 15.22
N SER A 639 -24.69 12.31 14.73
CA SER A 639 -24.92 13.72 15.08
C SER A 639 -25.70 13.93 16.40
N VAL B 68 63.61 48.33 -5.19
CA VAL B 68 64.40 49.39 -5.82
C VAL B 68 63.49 50.27 -6.72
N PHE B 69 62.22 49.82 -6.96
CA PHE B 69 61.21 50.50 -7.80
C PHE B 69 60.19 51.34 -7.03
N SER B 70 60.07 52.63 -7.39
CA SER B 70 59.12 53.56 -6.78
C SER B 70 57.73 53.30 -7.37
N ALA B 71 56.68 53.80 -6.70
CA ALA B 71 55.30 53.65 -7.17
C ALA B 71 55.15 54.10 -8.63
N ALA B 72 55.75 55.27 -8.98
CA ALA B 72 55.73 55.83 -10.32
C ALA B 72 56.67 55.07 -11.26
N MET B 73 57.81 54.59 -10.73
CA MET B 73 58.80 53.83 -11.48
C MET B 73 58.23 52.50 -11.95
N TYR B 74 57.49 51.81 -11.06
CA TYR B 74 56.84 50.56 -11.41
C TYR B 74 55.62 50.80 -12.32
N SER B 75 54.87 51.89 -12.08
CA SER B 75 53.70 52.24 -12.88
C SER B 75 54.09 52.46 -14.35
N ARG B 76 55.22 53.15 -14.59
CA ARG B 76 55.70 53.38 -15.96
C ARG B 76 56.20 52.08 -16.55
N PHE B 77 56.91 51.30 -15.73
CA PHE B 77 57.45 50.01 -16.11
C PHE B 77 56.37 49.09 -16.70
N VAL B 78 55.16 49.08 -16.10
CA VAL B 78 54.02 48.28 -16.55
C VAL B 78 53.33 48.94 -17.75
N LYS B 79 53.16 50.29 -17.70
CA LYS B 79 52.52 51.11 -18.76
C LYS B 79 53.26 50.93 -20.09
N SER B 80 54.62 50.90 -20.04
CA SER B 80 55.51 50.69 -21.17
C SER B 80 55.45 49.24 -21.64
N ALA B 81 55.35 48.29 -20.68
CA ALA B 81 55.27 46.86 -20.99
C ALA B 81 54.01 46.57 -21.81
N LEU B 82 52.91 47.31 -21.55
CA LEU B 82 51.65 47.18 -22.28
C LEU B 82 51.73 47.88 -23.63
N ASP B 83 52.47 49.01 -23.73
CA ASP B 83 52.68 49.73 -25.00
C ASP B 83 53.44 48.76 -25.93
N ASP B 84 54.47 48.07 -25.39
CA ASP B 84 55.26 47.07 -26.12
C ASP B 84 54.41 45.85 -26.49
N LEU B 85 53.48 45.44 -25.61
CA LEU B 85 52.54 44.33 -25.83
C LEU B 85 51.63 44.62 -27.04
N ASP B 86 51.18 45.89 -27.20
CA ASP B 86 50.33 46.36 -28.31
C ASP B 86 51.03 46.24 -29.67
N LYS B 87 52.36 46.48 -29.67
CA LYS B 87 53.22 46.41 -30.84
C LYS B 87 53.84 45.00 -31.02
N ASN B 88 53.20 43.98 -30.39
CA ASN B 88 53.56 42.56 -30.40
C ASN B 88 54.94 42.17 -29.81
N ASP B 89 55.37 42.83 -28.70
CA ASP B 89 56.64 42.50 -28.06
C ASP B 89 56.48 41.29 -27.15
N SER B 90 55.80 41.47 -25.98
CA SER B 90 55.54 40.46 -24.95
C SER B 90 56.72 40.16 -24.01
N THR B 91 57.94 40.71 -24.31
CA THR B 91 59.16 40.50 -23.52
C THR B 91 58.98 41.03 -22.09
N GLN B 92 58.68 42.33 -21.97
CA GLN B 92 58.44 43.07 -20.73
C GLN B 92 57.29 42.50 -19.88
N ILE B 93 56.17 42.15 -20.51
CA ILE B 93 55.00 41.57 -19.88
C ILE B 93 55.32 40.18 -19.26
N GLY B 94 56.07 39.36 -19.99
CA GLY B 94 56.51 38.05 -19.54
C GLY B 94 57.46 38.12 -18.36
N ILE B 95 58.23 39.23 -18.28
CA ILE B 95 59.15 39.49 -17.17
C ILE B 95 58.29 39.65 -15.91
N ILE B 96 57.21 40.44 -16.03
CA ILE B 96 56.23 40.69 -14.99
C ILE B 96 55.51 39.38 -14.64
N ALA B 97 54.94 38.69 -15.66
CA ALA B 97 54.21 37.44 -15.49
C ALA B 97 55.02 36.34 -14.80
N ASN B 98 56.34 36.35 -14.98
CA ASN B 98 57.22 35.38 -14.30
C ASN B 98 57.37 35.71 -12.81
N GLN B 99 57.54 37.01 -12.48
CA GLN B 99 57.63 37.55 -11.12
C GLN B 99 56.32 37.24 -10.32
N VAL B 100 55.15 37.30 -11.00
CA VAL B 100 53.86 37.02 -10.35
C VAL B 100 53.59 35.54 -10.12
N ALA B 101 54.05 34.69 -11.06
CA ALA B 101 53.87 33.23 -11.05
C ALA B 101 54.61 32.54 -9.90
N LEU B 102 55.83 33.03 -9.55
CA LEU B 102 56.74 32.58 -8.49
C LEU B 102 56.04 32.10 -7.21
N PRO B 103 56.53 31.03 -6.53
CA PRO B 103 55.83 30.51 -5.33
C PRO B 103 55.74 31.47 -4.15
N SER B 104 54.69 31.31 -3.30
CA SER B 104 54.44 32.13 -2.10
C SER B 104 55.66 32.19 -1.18
N LYS B 105 56.34 31.04 -1.02
CA LYS B 105 57.54 30.89 -0.21
C LYS B 105 58.75 31.70 -0.71
N ASN B 106 58.84 31.94 -2.03
CA ASN B 106 59.93 32.68 -2.66
C ASN B 106 59.85 34.19 -2.35
N PRO B 107 60.93 34.76 -1.76
CA PRO B 107 60.93 36.21 -1.47
C PRO B 107 61.00 37.10 -2.71
N GLU B 108 61.61 36.62 -3.83
CA GLU B 108 61.76 37.42 -5.07
C GLU B 108 60.46 37.63 -5.86
N ARG B 109 59.35 36.96 -5.41
CA ARG B 109 58.01 37.08 -6.00
C ARG B 109 57.49 38.50 -5.75
N ILE B 110 56.79 39.07 -6.75
CA ILE B 110 56.20 40.41 -6.71
C ILE B 110 55.58 40.71 -5.34
N ASN B 111 56.01 41.82 -4.74
CA ASN B 111 55.50 42.31 -3.46
C ASN B 111 54.14 43.02 -3.65
N ASP B 112 53.32 43.08 -2.58
CA ASP B 112 51.98 43.70 -2.55
C ASP B 112 51.92 45.11 -3.14
N LYS B 113 52.89 45.98 -2.79
CA LYS B 113 52.99 47.36 -3.29
C LYS B 113 52.93 47.38 -4.81
N ASN B 114 53.89 46.71 -5.48
CA ASN B 114 53.95 46.59 -6.93
C ASN B 114 52.76 45.78 -7.50
N LEU B 115 52.32 44.69 -6.80
CA LEU B 115 51.18 43.89 -7.26
C LEU B 115 49.89 44.72 -7.31
N ASN B 116 49.73 45.70 -6.37
CA ASN B 116 48.59 46.61 -6.34
C ASN B 116 48.57 47.46 -7.59
N ILE B 117 49.72 48.00 -7.98
CA ILE B 117 49.88 48.84 -9.17
C ILE B 117 49.50 48.03 -10.44
N LEU B 118 50.09 46.83 -10.58
CA LEU B 118 49.85 45.97 -11.72
C LEU B 118 48.36 45.72 -11.92
N LEU B 119 47.70 45.23 -10.86
CA LEU B 119 46.28 44.92 -10.91
C LEU B 119 45.41 46.15 -11.25
N ASP B 120 45.67 47.31 -10.63
CA ASP B 120 44.84 48.49 -10.91
C ASP B 120 44.92 48.98 -12.35
N ILE B 121 46.12 48.88 -12.94
CA ILE B 121 46.36 49.26 -14.35
C ILE B 121 45.73 48.23 -15.30
N LEU B 122 45.83 46.93 -14.97
CA LEU B 122 45.22 45.90 -15.80
C LEU B 122 43.68 45.97 -15.76
N SER B 123 43.09 46.14 -14.54
CA SER B 123 41.64 46.27 -14.30
C SER B 123 41.03 47.46 -15.09
N SER B 124 41.77 48.58 -15.14
CA SER B 124 41.41 49.83 -15.82
C SER B 124 41.07 49.68 -17.30
N ASN B 125 41.75 48.75 -17.99
CA ASN B 125 41.52 48.43 -19.39
C ASN B 125 41.95 47.00 -19.67
N ILE B 126 41.06 46.08 -19.31
CA ILE B 126 41.28 44.65 -19.48
C ILE B 126 41.48 44.23 -20.95
N ASN B 127 40.79 44.91 -21.91
CA ASN B 127 40.90 44.59 -23.34
C ASN B 127 42.33 44.59 -23.88
N ARG B 128 43.21 45.43 -23.28
CA ARG B 128 44.62 45.53 -23.63
C ARG B 128 45.39 44.21 -23.48
N ILE B 129 44.87 43.25 -22.69
CA ILE B 129 45.51 41.93 -22.48
C ILE B 129 44.72 40.77 -23.05
N GLU B 130 43.56 41.07 -23.68
CA GLU B 130 42.66 40.04 -24.24
C GLU B 130 43.22 39.16 -25.38
N SER B 131 44.32 39.60 -25.99
CA SER B 131 45.02 38.92 -27.04
C SER B 131 45.65 37.60 -26.58
N SER B 132 46.17 36.84 -27.57
CA SER B 132 46.90 35.59 -27.41
C SER B 132 48.27 35.88 -26.79
N ARG B 133 48.78 37.11 -27.00
CA ARG B 133 50.07 37.56 -26.46
C ARG B 133 49.98 37.89 -24.96
N GLY B 134 48.74 38.13 -24.48
CA GLY B 134 48.45 38.43 -23.08
C GLY B 134 47.91 37.24 -22.29
N THR B 135 47.85 36.08 -22.93
CA THR B 135 47.36 34.83 -22.34
C THR B 135 48.23 34.34 -21.16
N PHE B 136 49.58 34.47 -21.27
CA PHE B 136 50.51 34.03 -20.23
C PHE B 136 50.39 34.85 -18.96
N LEU B 137 50.26 36.19 -19.09
CA LEU B 137 50.11 37.10 -17.96
C LEU B 137 48.87 36.77 -17.13
N ILE B 138 47.73 36.55 -17.83
CA ILE B 138 46.45 36.22 -17.22
C ILE B 138 46.53 34.90 -16.45
N GLN B 139 47.14 33.86 -17.06
CA GLN B 139 47.29 32.55 -16.41
C GLN B 139 48.12 32.69 -15.14
N SER B 140 49.17 33.55 -15.21
CA SER B 140 50.09 33.84 -14.12
C SER B 140 49.37 34.42 -12.89
N ILE B 141 48.42 35.33 -13.12
CA ILE B 141 47.62 35.93 -12.06
C ILE B 141 46.58 34.92 -11.50
N ILE B 142 45.88 34.19 -12.39
CA ILE B 142 44.90 33.16 -11.96
C ILE B 142 45.58 32.13 -11.05
N ASN B 143 46.82 31.72 -11.42
CA ASN B 143 47.61 30.72 -10.70
C ASN B 143 48.56 31.32 -9.64
N PHE B 144 48.15 32.46 -9.05
CA PHE B 144 48.89 33.12 -7.96
C PHE B 144 48.60 32.32 -6.68
N GLU B 145 49.65 31.70 -6.12
CA GLU B 145 49.61 30.86 -4.92
C GLU B 145 49.06 31.60 -3.72
N LYS B 146 48.09 30.98 -3.01
CA LYS B 146 47.47 31.49 -1.79
C LYS B 146 47.08 32.96 -1.93
N TRP B 147 46.28 33.27 -2.96
CA TRP B 147 45.83 34.64 -3.20
C TRP B 147 44.89 35.14 -2.09
N TRP B 148 44.17 34.22 -1.45
CA TRP B 148 43.24 34.52 -0.35
C TRP B 148 44.05 34.87 0.90
N GLU B 149 45.34 34.46 0.92
CA GLU B 149 46.26 34.80 2.00
C GLU B 149 46.87 36.24 1.81
N LEU B 150 46.43 36.99 0.77
CA LEU B 150 46.90 38.35 0.52
C LEU B 150 46.38 39.34 1.56
N PRO B 151 47.14 40.45 1.84
CA PRO B 151 46.64 41.47 2.78
C PRO B 151 45.36 42.15 2.29
N PRO B 152 44.46 42.60 3.23
CA PRO B 152 43.19 43.23 2.83
C PRO B 152 43.12 44.02 1.53
N HIS B 153 43.87 45.17 1.41
CA HIS B 153 43.82 46.00 0.20
C HIS B 153 44.33 45.29 -1.07
N THR B 154 45.39 44.48 -0.95
CA THR B 154 45.97 43.70 -2.05
C THR B 154 44.99 42.62 -2.52
N LEU B 155 44.35 41.94 -1.55
CA LEU B 155 43.35 40.90 -1.81
C LEU B 155 42.15 41.50 -2.55
N SER B 156 41.76 42.72 -2.16
CA SER B 156 40.64 43.44 -2.74
C SER B 156 40.86 43.72 -4.23
N LYS B 157 42.07 44.18 -4.60
CA LYS B 157 42.50 44.49 -5.97
C LYS B 157 42.55 43.22 -6.82
N TYR B 158 42.99 42.09 -6.21
CA TYR B 158 43.03 40.78 -6.86
C TYR B 158 41.58 40.33 -7.22
N ILE B 159 40.65 40.40 -6.23
CA ILE B 159 39.24 40.05 -6.40
C ILE B 159 38.64 40.92 -7.53
N TYR B 160 38.86 42.25 -7.46
CA TYR B 160 38.36 43.19 -8.48
C TYR B 160 38.94 42.84 -9.84
N PHE B 161 40.24 42.49 -9.91
CA PHE B 161 40.85 42.09 -11.18
C PHE B 161 40.06 40.92 -11.78
N ILE B 162 39.95 39.80 -11.02
CA ILE B 162 39.27 38.58 -11.43
C ILE B 162 37.83 38.86 -11.85
N LYS B 163 37.11 39.66 -11.03
CA LYS B 163 35.73 40.07 -11.31
C LYS B 163 35.70 40.73 -12.71
N ILE B 164 36.60 41.71 -12.98
CA ILE B 164 36.73 42.38 -14.28
C ILE B 164 37.03 41.35 -15.40
N LEU B 165 38.08 40.52 -15.21
CA LEU B 165 38.51 39.48 -16.15
C LEU B 165 37.40 38.53 -16.63
N CYS B 166 36.69 37.89 -15.71
CA CYS B 166 35.63 36.93 -16.06
C CYS B 166 34.32 37.53 -16.53
N SER B 167 34.20 38.88 -16.49
CA SER B 167 33.03 39.62 -16.98
C SER B 167 33.27 39.97 -18.43
N SER B 168 34.50 40.34 -18.77
CA SER B 168 34.86 40.72 -20.13
C SER B 168 35.21 39.50 -20.96
N ILE B 169 35.85 38.52 -20.31
CA ILE B 169 36.27 37.27 -20.93
C ILE B 169 35.76 36.14 -20.05
N PRO B 170 34.52 35.67 -20.27
CA PRO B 170 33.98 34.57 -19.45
C PRO B 170 34.72 33.22 -19.55
N LYS B 171 35.61 33.04 -20.56
CA LYS B 171 36.43 31.83 -20.79
C LYS B 171 37.32 31.49 -19.57
N TRP B 172 37.81 32.53 -18.87
CA TRP B 172 38.67 32.37 -17.70
C TRP B 172 37.96 31.89 -16.44
N TRP B 173 36.62 32.03 -16.38
CA TRP B 173 35.84 31.57 -15.23
C TRP B 173 35.95 30.06 -15.02
N GLN B 174 36.15 29.30 -16.10
CA GLN B 174 36.37 27.87 -16.09
C GLN B 174 37.64 27.49 -15.28
N ASP B 175 38.67 28.37 -15.33
CA ASP B 175 39.95 28.18 -14.66
C ASP B 175 39.90 28.64 -13.21
N VAL B 176 39.34 29.85 -12.98
CA VAL B 176 39.17 30.50 -11.68
C VAL B 176 38.32 29.61 -10.77
N SER B 177 37.14 29.17 -11.25
CA SER B 177 36.23 28.32 -10.50
C SER B 177 36.88 27.00 -10.09
N MET B 178 37.70 26.39 -10.97
CA MET B 178 38.40 25.15 -10.68
C MET B 178 39.27 25.29 -9.43
N ILE B 179 40.08 26.36 -9.36
CA ILE B 179 40.95 26.68 -8.22
C ILE B 179 40.09 26.90 -6.96
N LEU B 180 39.02 27.71 -7.06
CA LEU B 180 38.07 27.97 -5.97
C LEU B 180 37.55 26.66 -5.37
N VAL B 181 37.04 25.74 -6.22
CA VAL B 181 36.50 24.46 -5.74
C VAL B 181 37.58 23.60 -5.08
N SER B 182 38.83 23.68 -5.58
CA SER B 182 39.93 22.94 -4.97
C SER B 182 40.28 23.49 -3.58
N CYS B 183 39.81 24.70 -3.26
CA CYS B 183 40.04 25.37 -1.98
C CYS B 183 39.02 24.95 -0.93
N PHE B 184 38.04 24.10 -1.29
CA PHE B 184 37.00 23.63 -0.37
C PHE B 184 37.53 22.78 0.80
N ILE B 185 38.79 22.30 0.70
CA ILE B 185 39.50 21.54 1.75
C ILE B 185 39.98 22.46 2.91
N LEU B 186 39.81 23.80 2.75
CA LEU B 186 40.17 24.83 3.73
C LEU B 186 38.97 25.17 4.64
N PRO B 187 39.17 25.65 5.89
CA PRO B 187 38.01 25.98 6.78
C PRO B 187 37.11 27.09 6.27
N ILE B 188 35.83 27.08 6.72
CA ILE B 188 34.82 28.09 6.38
C ILE B 188 35.34 29.52 6.60
N LYS B 189 36.10 29.74 7.70
CA LYS B 189 36.71 31.03 8.03
C LYS B 189 37.68 31.48 6.95
N GLN B 190 38.41 30.53 6.34
CA GLN B 190 39.37 30.76 5.28
C GLN B 190 38.78 30.84 3.84
N THR B 191 37.52 30.42 3.63
CA THR B 191 36.92 30.39 2.29
C THR B 191 35.89 31.46 1.95
N VAL B 192 35.69 32.44 2.82
CA VAL B 192 34.70 33.50 2.64
C VAL B 192 34.72 34.13 1.24
N CYS B 193 35.92 34.50 0.74
CA CYS B 193 36.05 35.10 -0.58
C CYS B 193 35.92 34.12 -1.75
N HIS B 194 36.19 32.82 -1.50
CA HIS B 194 36.01 31.78 -2.53
C HIS B 194 34.52 31.61 -2.84
N HIS B 195 33.67 31.63 -1.80
CA HIS B 195 32.22 31.52 -1.93
C HIS B 195 31.63 32.78 -2.48
N ASP B 196 32.23 33.95 -2.14
CA ASP B 196 31.76 35.24 -2.63
C ASP B 196 31.88 35.28 -4.15
N MET B 197 33.03 34.79 -4.66
CA MET B 197 33.36 34.71 -6.07
C MET B 197 32.46 33.72 -6.81
N LEU B 198 32.25 32.51 -6.22
CA LEU B 198 31.40 31.46 -6.77
C LEU B 198 29.98 31.96 -6.92
N LYS B 199 29.44 32.58 -5.84
CA LYS B 199 28.09 33.15 -5.78
C LYS B 199 27.88 34.17 -6.89
N TYR B 200 28.83 35.11 -7.05
CA TYR B 200 28.81 36.17 -8.07
C TYR B 200 28.74 35.62 -9.48
N PHE B 201 29.73 34.80 -9.86
CA PHE B 201 29.77 34.26 -11.20
C PHE B 201 28.79 33.15 -11.54
N LEU B 202 28.27 32.40 -10.54
CA LEU B 202 27.25 31.37 -10.80
C LEU B 202 25.94 32.04 -11.22
N ARG B 203 25.77 33.32 -10.85
CA ARG B 203 24.63 34.15 -11.20
C ARG B 203 24.87 34.81 -12.58
N MET B 204 26.04 35.47 -12.76
CA MET B 204 26.41 36.12 -14.03
C MET B 204 26.58 35.11 -15.19
N ILE B 205 27.20 33.95 -14.91
CA ILE B 205 27.43 32.88 -15.89
C ILE B 205 26.73 31.63 -15.33
N PRO B 206 25.40 31.46 -15.56
CA PRO B 206 24.70 30.29 -14.99
C PRO B 206 25.08 28.97 -15.63
N SER B 207 25.53 29.02 -16.91
CA SER B 207 26.00 27.89 -17.71
C SER B 207 27.16 27.14 -17.05
N SER B 208 27.93 27.87 -16.21
CA SER B 208 29.07 27.35 -15.46
C SER B 208 28.74 26.21 -14.49
N MET B 209 27.46 26.13 -14.05
CA MET B 209 26.98 25.10 -13.13
C MET B 209 27.35 23.67 -13.48
N GLY B 210 27.49 23.40 -14.78
CA GLY B 210 27.84 22.09 -15.33
C GLY B 210 29.23 21.64 -14.94
N PHE B 211 30.25 22.43 -15.32
CA PHE B 211 31.63 22.10 -15.01
C PHE B 211 31.98 22.26 -13.53
N ILE B 212 31.27 23.18 -12.83
CA ILE B 212 31.42 23.39 -11.38
C ILE B 212 30.97 22.12 -10.63
N ASP B 213 29.85 21.53 -11.08
CA ASP B 213 29.33 20.27 -10.53
C ASP B 213 30.42 19.19 -10.70
N THR B 214 31.05 19.09 -11.89
CA THR B 214 32.12 18.12 -12.13
C THR B 214 33.33 18.36 -11.20
N TYR B 215 33.65 19.66 -10.89
CA TYR B 215 34.75 20.00 -9.96
C TYR B 215 34.41 19.51 -8.55
N LEU B 216 33.13 19.68 -8.12
CA LEU B 216 32.61 19.23 -6.82
C LEU B 216 32.95 17.74 -6.61
N ALA B 217 32.83 16.93 -7.67
CA ALA B 217 33.12 15.51 -7.63
C ALA B 217 34.64 15.29 -7.68
N LYS B 218 35.32 15.89 -8.68
CA LYS B 218 36.77 15.79 -8.89
C LYS B 218 37.57 16.08 -7.60
N PHE B 219 37.22 17.18 -6.94
CA PHE B 219 37.95 17.63 -5.77
C PHE B 219 37.57 17.03 -4.43
N PHE B 220 36.48 16.22 -4.36
CA PHE B 220 36.12 15.59 -3.08
C PHE B 220 37.30 14.74 -2.56
N PRO B 221 37.72 14.99 -1.29
CA PRO B 221 38.84 14.22 -0.72
C PRO B 221 38.60 12.71 -0.64
N ASN B 222 39.69 11.94 -0.76
CA ASN B 222 39.67 10.50 -0.65
C ASN B 222 39.26 10.12 0.78
N LYS B 223 38.70 8.90 0.96
CA LYS B 223 38.33 8.36 2.27
C LYS B 223 39.62 8.42 3.13
N ASN B 224 40.75 7.97 2.52
CA ASN B 224 42.10 7.90 3.06
C ASN B 224 42.71 9.25 3.46
N ASP B 225 42.26 10.38 2.84
CA ASP B 225 42.74 11.74 3.15
C ASP B 225 42.38 12.17 4.59
N THR B 226 42.95 13.31 5.06
CA THR B 226 42.74 13.83 6.43
C THR B 226 41.26 14.06 6.74
N ARG B 227 40.89 13.87 8.03
CA ARG B 227 39.52 14.08 8.47
C ARG B 227 39.14 15.56 8.34
N ARG B 228 40.11 16.46 8.58
CA ARG B 228 39.98 17.92 8.49
C ARG B 228 39.62 18.36 7.06
N LYS B 229 40.28 17.75 6.04
CA LYS B 229 40.02 17.98 4.61
C LYS B 229 38.62 17.50 4.26
N LEU B 230 38.27 16.25 4.66
CA LEU B 230 36.94 15.67 4.45
C LEU B 230 35.86 16.51 5.16
N VAL B 231 36.07 16.89 6.45
CA VAL B 231 35.11 17.72 7.19
C VAL B 231 34.92 19.15 6.60
N ASN B 232 36.02 19.79 6.13
CA ASN B 232 35.99 21.13 5.52
C ASN B 232 35.29 21.10 4.16
N TYR B 233 35.55 20.06 3.35
CA TYR B 233 34.93 19.92 2.04
C TYR B 233 33.40 19.79 2.17
N THR B 234 32.91 19.14 3.24
CA THR B 234 31.48 18.99 3.52
C THR B 234 30.90 20.32 3.99
N SER B 235 31.65 21.06 4.87
CA SER B 235 31.20 22.38 5.35
C SER B 235 30.96 23.34 4.19
N ASN B 236 31.92 23.38 3.25
CA ASN B 236 31.88 24.23 2.06
C ASN B 236 30.80 23.80 1.09
N LEU B 237 30.65 22.49 0.86
CA LEU B 237 29.60 21.96 -0.01
C LEU B 237 28.21 22.38 0.53
N LEU B 238 28.02 22.36 1.87
CA LEU B 238 26.78 22.81 2.50
C LEU B 238 26.61 24.34 2.40
N LYS B 239 27.72 25.12 2.49
CA LYS B 239 27.68 26.57 2.32
C LYS B 239 27.26 26.90 0.88
N LEU B 240 27.91 26.24 -0.12
CA LEU B 240 27.62 26.37 -1.54
C LEU B 240 26.14 26.07 -1.80
N ARG B 241 25.63 25.00 -1.16
CA ARG B 241 24.22 24.56 -1.25
C ARG B 241 23.22 25.69 -0.87
N GLY B 242 23.61 26.53 0.10
CA GLY B 242 22.84 27.65 0.62
C GLY B 242 22.59 28.79 -0.35
N TYR B 243 23.47 28.97 -1.36
CA TYR B 243 23.27 30.04 -2.35
C TYR B 243 23.03 29.50 -3.76
N CYS B 244 23.21 28.17 -3.91
CA CYS B 244 23.01 27.53 -5.19
C CYS B 244 22.09 26.34 -5.04
N SER B 245 20.79 26.63 -5.07
CA SER B 245 19.73 25.65 -4.93
C SER B 245 19.73 24.70 -6.11
N GLU B 246 20.05 25.22 -7.31
CA GLU B 246 20.09 24.44 -8.54
C GLU B 246 21.10 23.28 -8.45
N LEU B 247 22.15 23.42 -7.62
CA LEU B 247 23.17 22.40 -7.36
C LEU B 247 22.88 21.54 -6.11
N GLY B 248 21.85 21.91 -5.33
CA GLY B 248 21.43 21.25 -4.10
C GLY B 248 21.31 19.74 -4.10
N PHE B 249 20.72 19.15 -5.16
CA PHE B 249 20.56 17.69 -5.23
C PHE B 249 21.88 16.98 -5.51
N GLN B 250 22.74 17.58 -6.34
CA GLN B 250 24.02 16.96 -6.68
C GLN B 250 24.97 16.97 -5.50
N ILE B 251 24.91 18.04 -4.67
CA ILE B 251 25.71 18.22 -3.44
C ILE B 251 25.32 17.16 -2.43
N TRP B 252 24.01 16.94 -2.25
CA TRP B 252 23.49 15.96 -1.33
C TRP B 252 23.80 14.55 -1.79
N SER B 253 23.69 14.29 -3.11
CA SER B 253 23.99 12.99 -3.70
C SER B 253 25.48 12.65 -3.51
N LEU B 254 26.36 13.64 -3.77
CA LEU B 254 27.80 13.53 -3.62
C LEU B 254 28.16 13.20 -2.18
N LEU B 255 27.57 13.94 -1.19
CA LEU B 255 27.75 13.72 0.24
C LEU B 255 27.31 12.32 0.66
N ILE B 256 26.04 11.94 0.33
CA ILE B 256 25.47 10.61 0.61
C ILE B 256 26.38 9.52 0.06
N GLU B 257 26.71 9.59 -1.26
CA GLU B 257 27.58 8.63 -1.95
C GLU B 257 28.92 8.45 -1.23
N LYS B 258 29.52 9.56 -0.76
CA LYS B 258 30.78 9.54 -0.05
C LYS B 258 30.64 9.01 1.37
N ILE B 259 29.56 9.38 2.11
CA ILE B 259 29.31 8.86 3.47
C ILE B 259 29.07 7.33 3.44
N ILE B 260 28.33 6.80 2.42
CA ILE B 260 28.10 5.35 2.29
C ILE B 260 29.42 4.62 2.06
N SER B 261 30.30 5.21 1.23
CA SER B 261 31.62 4.68 0.92
C SER B 261 32.42 4.43 2.20
N ILE B 262 32.42 5.43 3.13
CA ILE B 262 33.08 5.41 4.44
C ILE B 262 32.46 4.30 5.28
N ASP B 263 31.13 4.34 5.46
CA ASP B 263 30.36 3.36 6.24
C ASP B 263 30.60 1.91 5.83
N VAL B 264 30.42 1.61 4.52
CA VAL B 264 30.61 0.29 3.88
C VAL B 264 32.03 -0.19 4.12
N GLU B 265 33.05 0.66 3.86
CA GLU B 265 34.44 0.32 4.08
C GLU B 265 34.72 0.01 5.56
N LEU B 266 34.17 0.81 6.50
CA LEU B 266 34.32 0.62 7.94
C LEU B 266 33.76 -0.75 8.37
N GLN B 267 32.60 -1.17 7.80
CA GLN B 267 31.99 -2.46 8.10
C GLN B 267 32.77 -3.64 7.54
N ASN B 268 33.18 -3.58 6.25
CA ASN B 268 34.00 -4.60 5.59
C ASN B 268 35.32 -4.77 6.35
N GLU B 269 35.88 -3.65 6.85
CA GLU B 269 37.11 -3.63 7.65
C GLU B 269 36.90 -4.27 9.03
N LEU B 270 35.68 -4.18 9.58
CA LEU B 270 35.32 -4.81 10.86
C LEU B 270 35.09 -6.31 10.63
N ASP B 271 34.49 -6.66 9.45
CA ASP B 271 34.22 -8.04 9.02
C ASP B 271 35.50 -8.79 8.64
N GLU B 272 36.51 -8.09 8.07
CA GLU B 272 37.79 -8.67 7.66
C GLU B 272 38.62 -9.17 8.86
N LEU B 273 38.31 -8.66 10.07
CA LEU B 273 38.97 -9.00 11.33
C LEU B 273 38.88 -10.50 11.72
N ASP B 274 37.65 -11.06 11.70
CA ASP B 274 37.36 -12.45 12.09
C ASP B 274 38.07 -13.52 11.25
N THR B 344 41.95 -2.28 11.31
CA THR B 344 42.41 -2.10 12.70
C THR B 344 42.61 -0.60 13.00
N GLN B 345 43.72 0.01 12.50
CA GLN B 345 43.99 1.43 12.67
C GLN B 345 43.09 2.21 11.70
N GLY B 346 42.85 1.58 10.54
CA GLY B 346 41.97 2.05 9.49
C GLY B 346 40.55 2.21 10.00
N ILE B 347 40.17 1.34 10.96
CA ILE B 347 38.87 1.35 11.66
C ILE B 347 38.74 2.60 12.55
N LYS B 348 39.78 2.95 13.35
CA LYS B 348 39.74 4.15 14.22
C LYS B 348 39.67 5.43 13.35
N GLU B 349 40.41 5.45 12.22
CA GLU B 349 40.48 6.56 11.27
C GLU B 349 39.15 6.79 10.62
N LEU B 350 38.54 5.73 10.06
CA LEU B 350 37.23 5.77 9.41
C LEU B 350 36.11 6.13 10.37
N SER B 351 36.20 5.64 11.63
CA SER B 351 35.23 5.91 12.70
C SER B 351 35.10 7.40 13.01
N THR B 352 36.21 8.06 13.38
CA THR B 352 36.31 9.51 13.70
C THR B 352 35.94 10.38 12.49
N LYS B 353 36.26 9.90 11.27
CA LYS B 353 35.92 10.54 10.00
C LYS B 353 34.39 10.57 9.83
N LEU B 354 33.78 9.35 9.73
CA LEU B 354 32.34 9.14 9.60
C LEU B 354 31.57 9.87 10.69
N ASP B 355 32.10 9.86 11.95
CA ASP B 355 31.50 10.55 13.09
C ASP B 355 31.46 12.07 12.85
N SER B 356 32.63 12.70 12.56
CA SER B 356 32.70 14.15 12.30
C SER B 356 31.84 14.64 11.11
N ILE B 357 31.73 13.81 10.05
CA ILE B 357 30.94 14.15 8.87
C ILE B 357 29.43 14.10 9.19
N LEU B 358 28.96 12.98 9.78
CA LEU B 358 27.54 12.79 10.12
C LEU B 358 27.02 13.80 11.11
N THR B 359 27.79 14.05 12.20
CA THR B 359 27.43 15.01 13.24
C THR B 359 27.17 16.39 12.61
N LEU B 360 28.05 16.80 11.68
CA LEU B 360 27.92 18.04 10.94
C LEU B 360 26.70 18.02 10.04
N VAL B 361 26.51 16.96 9.24
CA VAL B 361 25.34 16.80 8.36
C VAL B 361 24.03 16.90 9.15
N SER B 362 23.88 16.15 10.23
CA SER B 362 22.64 16.21 11.00
C SER B 362 22.42 17.52 11.75
N THR B 363 23.51 18.21 12.15
CA THR B 363 23.42 19.50 12.83
C THR B 363 22.87 20.57 11.88
N HIS B 364 23.41 20.59 10.66
CA HIS B 364 23.03 21.47 9.58
C HIS B 364 21.57 21.20 9.19
N VAL B 365 21.19 19.91 9.18
CA VAL B 365 19.85 19.48 8.83
C VAL B 365 18.85 19.89 9.90
N GLU B 366 19.25 19.82 11.20
CA GLU B 366 18.42 20.28 12.33
C GLU B 366 18.10 21.78 12.15
N GLU B 367 19.07 22.57 11.68
CA GLU B 367 18.95 24.00 11.39
C GLU B 367 18.00 24.25 10.21
N GLN B 368 18.22 23.54 9.06
CA GLN B 368 17.45 23.70 7.83
C GLN B 368 16.03 23.17 7.90
N VAL B 369 15.80 22.09 8.64
CA VAL B 369 14.45 21.50 8.75
C VAL B 369 13.79 21.94 10.06
N THR B 370 13.16 23.12 10.01
CA THR B 370 12.53 23.78 11.14
C THR B 370 11.03 23.94 10.87
N PRO B 371 10.11 23.98 11.89
CA PRO B 371 8.67 24.14 11.59
C PRO B 371 8.35 25.40 10.79
N GLU B 372 9.16 26.45 11.00
CA GLU B 372 9.05 27.70 10.28
C GLU B 372 9.53 27.51 8.84
N SER B 373 10.63 26.75 8.63
CA SER B 373 11.18 26.47 7.29
C SER B 373 10.30 25.49 6.50
N LEU B 374 9.59 24.61 7.22
CA LEU B 374 8.65 23.66 6.62
C LEU B 374 7.47 24.45 6.09
N GLU B 375 6.97 25.41 6.90
CA GLU B 375 5.85 26.29 6.56
C GLU B 375 6.17 27.29 5.45
N SER B 376 7.47 27.55 5.16
CA SER B 376 7.84 28.54 4.15
C SER B 376 9.03 28.19 3.25
N GLY B 377 10.21 28.11 3.85
CA GLY B 377 11.49 27.92 3.17
C GLY B 377 11.81 26.48 2.82
N GLU B 378 13.03 26.25 2.36
CA GLU B 378 13.36 24.97 1.79
C GLU B 378 13.61 23.99 2.88
N GLY B 379 12.70 23.98 3.83
CA GLY B 379 12.61 22.92 4.80
C GLY B 379 12.21 21.65 4.12
N VAL B 380 11.36 21.81 3.15
CA VAL B 380 10.65 20.75 2.45
C VAL B 380 11.59 20.04 1.46
N GLY B 381 12.43 20.80 0.79
CA GLY B 381 13.39 20.29 -0.18
C GLY B 381 14.46 19.40 0.41
N VAL B 382 15.01 19.80 1.55
CA VAL B 382 16.05 19.04 2.24
C VAL B 382 15.50 17.66 2.59
N PHE B 383 14.34 17.63 3.29
CA PHE B 383 13.64 16.38 3.69
C PHE B 383 13.37 15.51 2.48
N ASN B 384 12.88 16.13 1.38
CA ASN B 384 12.62 15.40 0.14
C ASN B 384 13.86 14.81 -0.54
N THR B 385 14.99 15.57 -0.64
CA THR B 385 16.21 15.01 -1.28
C THR B 385 16.78 13.84 -0.50
N LEU B 386 16.75 13.96 0.83
CA LEU B 386 17.29 12.94 1.72
C LEU B 386 16.41 11.70 1.73
N THR B 387 15.08 11.87 1.53
CA THR B 387 14.14 10.72 1.45
C THR B 387 14.40 9.97 0.14
N THR B 388 14.53 10.72 -0.98
CA THR B 388 14.85 10.19 -2.30
C THR B 388 16.19 9.41 -2.22
N LEU B 389 17.25 10.07 -1.70
CA LEU B 389 18.54 9.42 -1.55
C LEU B 389 18.51 8.22 -0.60
N PHE B 390 17.55 8.18 0.35
CA PHE B 390 17.39 7.04 1.27
C PHE B 390 16.86 5.87 0.46
N LYS B 391 15.81 6.11 -0.37
CA LYS B 391 15.20 5.09 -1.22
C LYS B 391 16.16 4.54 -2.30
N THR B 392 16.96 5.41 -2.93
CA THR B 392 17.89 5.08 -4.01
C THR B 392 19.25 4.54 -3.57
N HIS B 393 19.76 4.98 -2.40
CA HIS B 393 21.10 4.60 -1.95
C HIS B 393 21.15 3.79 -0.67
N VAL B 394 20.59 4.32 0.43
CA VAL B 394 20.64 3.66 1.75
C VAL B 394 20.00 2.27 1.77
N LEU B 395 18.67 2.19 1.65
CA LEU B 395 17.92 0.93 1.66
C LEU B 395 18.48 -0.19 0.73
N PRO B 396 18.72 0.07 -0.54
CA PRO B 396 19.21 -0.97 -1.42
C PRO B 396 20.57 -1.53 -1.01
N THR B 397 21.44 -0.70 -0.48
CA THR B 397 22.71 -1.11 0.09
C THR B 397 22.56 -1.98 1.33
N TYR B 398 21.67 -1.54 2.19
CA TYR B 398 21.28 -2.27 3.38
C TYR B 398 22.24 -2.43 4.54
N TYR B 399 23.36 -3.07 4.32
CA TYR B 399 24.14 -3.44 5.47
C TYR B 399 25.10 -2.34 5.90
N THR B 400 24.56 -1.27 6.48
CA THR B 400 25.33 -0.11 6.82
C THR B 400 25.06 0.18 8.24
N ARG B 401 25.98 0.79 8.94
CA ARG B 401 25.75 0.98 10.37
C ARG B 401 25.48 2.40 10.84
N SER B 402 25.65 3.41 9.95
CA SER B 402 25.45 4.80 10.35
C SER B 402 24.65 5.73 9.40
N ILE B 403 24.87 5.64 8.06
CA ILE B 403 24.21 6.49 7.05
C ILE B 403 22.69 6.73 7.23
N GLN B 404 21.93 5.63 7.50
CA GLN B 404 20.46 5.60 7.72
C GLN B 404 19.98 6.54 8.84
N TYR B 405 20.90 6.96 9.74
CA TYR B 405 20.60 7.86 10.85
C TYR B 405 20.33 9.31 10.44
N ILE B 406 20.65 9.70 9.19
CA ILE B 406 20.29 11.03 8.66
C ILE B 406 18.75 11.05 8.62
N MET B 407 18.15 9.96 8.08
CA MET B 407 16.71 9.73 8.02
C MET B 407 16.08 9.59 9.40
N PHE B 408 16.72 8.86 10.30
CA PHE B 408 16.24 8.69 11.68
C PHE B 408 16.10 10.07 12.36
N HIS B 409 17.15 10.92 12.22
CA HIS B 409 17.24 12.25 12.82
C HIS B 409 16.24 13.25 12.25
N VAL B 410 16.19 13.41 10.91
CA VAL B 410 15.33 14.39 10.23
C VAL B 410 13.85 14.11 10.45
N SER B 411 13.47 12.81 10.40
CA SER B 411 12.14 12.26 10.65
C SER B 411 11.52 12.92 11.86
N GLN B 412 12.20 12.74 12.98
CA GLN B 412 11.77 13.17 14.29
C GLN B 412 11.76 14.68 14.56
N GLN B 413 12.09 15.52 13.56
CA GLN B 413 12.06 16.98 13.72
C GLN B 413 10.64 17.52 13.90
N GLN B 414 9.64 16.94 13.17
CA GLN B 414 8.21 17.32 13.23
C GLN B 414 7.31 16.10 12.97
N LEU B 415 6.09 16.10 13.57
CA LEU B 415 5.08 15.01 13.43
C LEU B 415 4.88 14.56 11.99
N GLU B 416 4.66 15.51 11.06
CA GLU B 416 4.47 15.28 9.62
C GLU B 416 5.63 14.52 8.97
N LEU B 417 6.88 14.82 9.38
CA LEU B 417 8.07 14.19 8.82
C LEU B 417 8.18 12.75 9.26
N MET B 418 7.71 12.41 10.48
CA MET B 418 7.66 11.02 10.96
C MET B 418 6.49 10.29 10.23
N ASP B 419 5.43 11.02 9.87
CA ASP B 419 4.28 10.49 9.15
C ASP B 419 4.70 10.04 7.75
N SER B 420 5.38 10.93 7.00
CA SER B 420 5.90 10.68 5.65
C SER B 420 6.86 9.49 5.68
N PHE B 421 7.80 9.45 6.66
CA PHE B 421 8.75 8.35 6.75
C PHE B 421 8.06 7.00 6.98
N LEU B 422 7.14 6.93 7.97
CA LEU B 422 6.31 5.76 8.28
C LEU B 422 5.58 5.27 7.04
N VAL B 423 4.75 6.12 6.41
CA VAL B 423 4.00 5.75 5.21
C VAL B 423 4.92 5.26 4.08
N THR B 424 6.11 5.88 3.92
CA THR B 424 7.09 5.51 2.91
C THR B 424 7.57 4.10 3.22
N LEU B 425 7.89 3.85 4.50
CA LEU B 425 8.34 2.54 4.92
C LEU B 425 7.21 1.51 4.74
N ILE B 426 5.96 1.89 4.98
CA ILE B 426 4.84 0.98 4.78
C ILE B 426 4.66 0.61 3.31
N ASP B 427 4.72 1.60 2.44
CA ASP B 427 4.61 1.44 1.00
C ASP B 427 5.64 0.45 0.47
N ILE B 428 6.95 0.71 0.66
CA ILE B 428 8.04 -0.17 0.23
C ILE B 428 7.91 -1.61 0.82
N SER B 429 7.47 -1.72 2.08
CA SER B 429 7.28 -2.96 2.80
C SER B 429 6.20 -3.86 2.19
N PHE B 430 5.14 -3.27 1.61
CA PHE B 430 3.98 -4.02 1.10
C PHE B 430 3.59 -3.76 -0.35
N ALA B 431 4.45 -3.10 -1.13
CA ALA B 431 4.14 -2.79 -2.53
C ALA B 431 4.18 -4.06 -3.38
N VAL B 432 3.23 -4.18 -4.30
CA VAL B 432 3.01 -5.34 -5.16
C VAL B 432 4.14 -5.70 -6.15
N ASN B 433 4.72 -4.70 -6.82
CA ASN B 433 5.78 -4.99 -7.78
C ASN B 433 7.21 -5.04 -7.26
N GLU B 434 7.46 -4.53 -6.01
CA GLU B 434 8.80 -4.56 -5.40
C GLU B 434 9.30 -6.00 -5.23
N ALA B 435 10.63 -6.19 -5.28
CA ALA B 435 11.26 -7.49 -5.09
C ALA B 435 11.09 -7.92 -3.62
N ALA B 436 11.01 -9.24 -3.37
CA ALA B 436 10.88 -9.80 -2.01
C ALA B 436 11.97 -9.28 -1.08
N GLU B 437 13.21 -9.18 -1.59
CA GLU B 437 14.41 -8.67 -0.90
C GLU B 437 14.15 -7.28 -0.36
N LYS B 438 13.67 -6.36 -1.21
CA LYS B 438 13.36 -4.97 -0.87
C LYS B 438 12.30 -4.88 0.24
N LYS B 439 11.23 -5.72 0.12
CA LYS B 439 10.13 -5.81 1.09
C LYS B 439 10.63 -6.29 2.46
N ILE B 440 11.53 -7.30 2.49
CA ILE B 440 12.10 -7.80 3.74
C ILE B 440 13.03 -6.75 4.40
N LYS B 441 13.85 -6.05 3.57
CA LYS B 441 14.77 -5.00 4.01
C LYS B 441 13.98 -3.82 4.63
N SER B 442 12.85 -3.40 3.97
CA SER B 442 11.95 -2.31 4.43
C SER B 442 11.26 -2.71 5.71
N LEU B 443 10.81 -3.98 5.82
CA LEU B 443 10.15 -4.49 7.03
C LEU B 443 11.07 -4.47 8.25
N GLN B 444 12.38 -4.73 8.02
CA GLN B 444 13.40 -4.64 9.06
C GLN B 444 13.64 -3.17 9.41
N TYR B 445 13.55 -2.26 8.42
CA TYR B 445 13.68 -0.81 8.65
C TYR B 445 12.50 -0.30 9.47
N LEU B 446 11.27 -0.77 9.16
CA LEU B 446 10.00 -0.39 9.80
C LEU B 446 9.97 -0.73 11.29
N GLY B 447 10.26 -2.01 11.61
CA GLY B 447 10.32 -2.55 12.96
C GLY B 447 11.38 -1.88 13.82
N SER B 448 12.62 -1.74 13.30
CA SER B 448 13.72 -1.05 14.00
C SER B 448 13.37 0.41 14.25
N TYR B 449 12.71 1.06 13.28
CA TYR B 449 12.29 2.45 13.41
C TYR B 449 11.29 2.67 14.54
N ILE B 450 10.13 1.97 14.52
CA ILE B 450 9.08 2.12 15.54
C ILE B 450 9.61 1.92 16.99
N ALA B 451 10.49 0.91 17.13
CA ALA B 451 11.15 0.47 18.36
C ALA B 451 12.03 1.52 18.97
N ARG B 452 12.87 2.18 18.13
CA ARG B 452 13.90 3.12 18.53
C ARG B 452 13.61 4.61 18.51
N ALA B 453 12.75 5.10 17.61
CA ALA B 453 12.47 6.53 17.44
C ALA B 453 11.69 7.16 18.62
N LYS B 454 12.44 7.84 19.52
CA LYS B 454 11.91 8.44 20.75
C LYS B 454 10.76 9.42 20.55
N LYS B 455 10.88 10.30 19.55
CA LYS B 455 9.88 11.34 19.27
C LYS B 455 8.52 10.83 18.67
N LEU B 456 8.32 9.48 18.56
CA LEU B 456 7.09 8.88 18.04
C LEU B 456 5.97 8.91 19.06
N SER B 457 4.75 9.25 18.59
CA SER B 457 3.58 9.31 19.45
C SER B 457 2.98 7.92 19.65
N ARG B 458 2.27 7.73 20.77
CA ARG B 458 1.59 6.46 21.08
C ARG B 458 0.72 6.06 19.86
N THR B 459 -0.04 7.05 19.33
CA THR B 459 -0.94 6.89 18.19
C THR B 459 -0.23 6.51 16.88
N GLN B 460 0.97 7.07 16.66
CA GLN B 460 1.81 6.71 15.51
C GLN B 460 2.29 5.25 15.64
N ILE B 461 2.67 4.82 16.88
CA ILE B 461 3.14 3.47 17.13
C ILE B 461 2.01 2.46 16.91
N ILE B 462 0.85 2.73 17.52
CA ILE B 462 -0.37 1.91 17.38
C ILE B 462 -0.77 1.88 15.89
N PHE B 463 -0.51 2.99 15.13
CA PHE B 463 -0.83 2.99 13.71
C PHE B 463 -0.08 1.85 13.01
N VAL B 464 1.25 1.76 13.23
CA VAL B 464 2.05 0.69 12.62
C VAL B 464 1.60 -0.71 13.07
N ALA B 465 1.31 -0.88 14.40
CA ALA B 465 0.80 -2.14 14.98
C ALA B 465 -0.54 -2.50 14.40
N SER B 466 -1.40 -1.48 14.17
CA SER B 466 -2.71 -1.69 13.56
C SER B 466 -2.57 -2.15 12.12
N TYR B 467 -1.64 -1.53 11.35
CA TYR B 467 -1.42 -1.93 9.97
C TYR B 467 -0.93 -3.37 9.89
N LEU B 468 0.11 -3.70 10.71
CA LEU B 468 0.74 -4.99 10.73
C LEU B 468 -0.19 -6.10 11.13
N THR B 469 -0.99 -5.90 12.21
CA THR B 469 -1.95 -6.92 12.68
C THR B 469 -3.02 -7.11 11.68
N SER B 470 -3.50 -6.05 11.06
CA SER B 470 -4.56 -6.13 10.08
C SER B 470 -4.07 -6.87 8.84
N TRP B 471 -2.87 -6.51 8.36
CA TRP B 471 -2.24 -7.17 7.20
C TRP B 471 -2.00 -8.67 7.45
N LEU B 472 -1.56 -9.02 8.68
CA LEU B 472 -1.26 -10.41 9.06
C LEU B 472 -2.49 -11.24 9.27
N ASN B 473 -3.56 -10.61 9.82
CA ASN B 473 -4.86 -11.25 10.04
C ASN B 473 -5.42 -11.69 8.71
N ARG B 474 -5.35 -10.80 7.70
CA ARG B 474 -5.77 -11.09 6.34
C ARG B 474 -4.95 -12.24 5.68
N TYR B 475 -3.60 -12.20 5.81
CA TYR B 475 -2.68 -13.21 5.27
C TYR B 475 -3.08 -14.62 5.76
N VAL B 476 -3.39 -14.78 7.07
CA VAL B 476 -3.84 -16.05 7.66
C VAL B 476 -5.20 -16.53 7.08
N ILE B 477 -6.20 -15.64 6.99
CA ILE B 477 -7.53 -15.87 6.43
C ILE B 477 -7.44 -16.28 4.95
N GLU B 478 -6.76 -15.48 4.12
CA GLU B 478 -6.65 -15.72 2.68
C GLU B 478 -5.70 -16.83 2.27
N ARG B 479 -4.58 -17.03 3.02
CA ARG B 479 -3.48 -17.91 2.61
C ARG B 479 -3.08 -19.17 3.39
N GLU B 480 -3.56 -19.36 4.65
CA GLU B 480 -3.20 -20.54 5.44
C GLU B 480 -3.42 -21.88 4.71
N GLU B 481 -4.45 -21.95 3.84
CA GLU B 481 -4.84 -23.09 2.99
C GLU B 481 -3.72 -23.55 2.05
N GLU B 482 -2.80 -22.63 1.71
CA GLU B 482 -1.70 -22.90 0.80
C GLU B 482 -0.53 -23.66 1.47
N VAL B 483 -0.48 -23.68 2.82
CA VAL B 483 0.61 -24.31 3.60
C VAL B 483 0.75 -25.84 3.34
N ASP B 484 -0.36 -26.61 3.50
CA ASP B 484 -0.41 -28.06 3.23
C ASP B 484 -0.42 -28.38 1.73
N GLN B 485 -0.37 -27.34 0.87
CA GLN B 485 -0.32 -27.50 -0.57
C GLN B 485 1.14 -27.55 -1.02
N ARG B 486 1.36 -27.94 -2.29
CA ARG B 486 2.66 -28.08 -2.92
C ARG B 486 3.45 -26.77 -2.86
N GLY B 487 4.73 -26.88 -2.51
CA GLY B 487 5.64 -25.77 -2.29
C GLY B 487 6.06 -25.72 -0.84
N GLY B 488 7.18 -25.04 -0.57
CA GLY B 488 7.73 -24.92 0.77
C GLY B 488 7.35 -23.67 1.52
N MET B 489 7.95 -23.45 2.70
CA MET B 489 7.68 -22.29 3.55
C MET B 489 8.29 -21.00 3.02
N GLU B 490 9.16 -21.10 1.99
CA GLU B 490 9.79 -19.91 1.37
C GLU B 490 8.74 -19.03 0.71
N ARG B 491 7.60 -19.64 0.30
CA ARG B 491 6.46 -18.96 -0.32
C ARG B 491 5.94 -17.82 0.57
N PHE B 492 6.10 -17.99 1.90
CA PHE B 492 5.60 -17.10 2.95
C PHE B 492 6.64 -16.17 3.60
N LYS B 493 7.80 -15.98 2.92
CA LYS B 493 8.92 -15.09 3.31
C LYS B 493 8.40 -13.77 3.91
N HIS B 494 7.46 -13.13 3.17
CA HIS B 494 6.84 -11.84 3.46
C HIS B 494 5.98 -11.89 4.72
N PHE B 495 5.36 -13.04 5.01
CA PHE B 495 4.57 -13.20 6.22
C PHE B 495 5.49 -13.14 7.44
N TYR B 496 6.59 -13.94 7.44
CA TYR B 496 7.59 -13.99 8.52
C TYR B 496 8.27 -12.63 8.71
N ALA B 497 8.57 -11.94 7.60
CA ALA B 497 9.15 -10.61 7.65
C ALA B 497 8.24 -9.62 8.42
N ALA B 498 6.93 -9.55 8.04
CA ALA B 498 5.94 -8.67 8.68
C ALA B 498 5.69 -9.04 10.15
N PHE B 499 5.61 -10.36 10.46
CA PHE B 499 5.42 -10.86 11.83
C PHE B 499 6.64 -10.54 12.73
N GLN B 500 7.84 -10.61 12.18
CA GLN B 500 9.06 -10.26 12.93
C GLN B 500 9.02 -8.78 13.31
N ALA B 501 8.74 -7.92 12.31
CA ALA B 501 8.63 -6.47 12.48
C ALA B 501 7.70 -6.10 13.63
N LEU B 502 6.55 -6.81 13.75
CA LEU B 502 5.60 -6.56 14.82
C LEU B 502 6.13 -7.10 16.16
N CYS B 503 6.71 -8.30 16.14
CA CYS B 503 7.25 -8.87 17.35
C CYS B 503 8.31 -7.96 17.97
N TYR B 504 9.22 -7.47 17.13
CA TYR B 504 10.28 -6.54 17.52
C TYR B 504 9.69 -5.29 18.18
N ILE B 505 8.67 -4.64 17.52
CA ILE B 505 7.96 -3.45 18.01
C ILE B 505 7.41 -3.73 19.42
N PHE B 506 6.73 -4.88 19.61
CA PHE B 506 6.20 -5.32 20.91
C PHE B 506 7.32 -5.49 21.96
N CYS B 507 8.52 -5.93 21.56
CA CYS B 507 9.62 -6.09 22.50
C CYS B 507 9.99 -4.76 23.17
N PHE B 508 10.02 -3.69 22.37
CA PHE B 508 10.37 -2.34 22.76
C PHE B 508 9.19 -1.48 23.21
N ARG B 509 7.95 -1.81 22.78
CA ARG B 509 6.76 -1.00 23.06
C ARG B 509 5.60 -1.64 23.81
N HIS B 510 5.68 -2.94 24.19
CA HIS B 510 4.59 -3.62 24.91
C HIS B 510 3.87 -2.77 25.97
N ASN B 511 4.61 -2.02 26.79
CA ASN B 511 4.13 -1.11 27.83
C ASN B 511 3.05 -0.10 27.30
N ILE B 512 3.24 0.42 26.06
CA ILE B 512 2.35 1.36 25.34
C ILE B 512 1.02 0.71 24.90
N PHE B 513 1.04 -0.58 24.54
CA PHE B 513 -0.13 -1.31 24.05
C PHE B 513 -1.19 -1.65 25.07
N ARG B 514 -0.90 -1.41 26.36
CA ARG B 514 -1.84 -1.62 27.47
C ARG B 514 -2.60 -0.33 27.65
N ASP B 515 -3.90 -0.33 27.29
CA ASP B 515 -4.78 0.84 27.38
C ASP B 515 -5.15 1.19 28.85
N THR B 516 -5.80 2.36 29.07
CA THR B 516 -6.25 2.87 30.39
C THR B 516 -6.98 1.80 31.23
N ASP B 517 -7.81 0.96 30.57
CA ASP B 517 -8.60 -0.12 31.17
C ASP B 517 -7.77 -1.39 31.45
N GLY B 518 -6.49 -1.39 31.04
CA GLY B 518 -5.59 -2.53 31.23
C GLY B 518 -5.71 -3.57 30.12
N ASN B 519 -6.54 -3.26 29.09
CA ASN B 519 -6.74 -4.13 27.93
C ASN B 519 -5.67 -3.86 26.88
N TRP B 520 -5.41 -4.86 26.02
CA TRP B 520 -4.40 -4.77 24.98
C TRP B 520 -4.94 -4.16 23.70
N GLU B 521 -4.23 -3.14 23.15
CA GLU B 521 -4.57 -2.50 21.86
C GLU B 521 -4.38 -3.57 20.79
N CYS B 522 -5.14 -3.49 19.68
CA CYS B 522 -5.10 -4.44 18.56
C CYS B 522 -5.31 -5.92 18.94
N GLU B 523 -5.90 -6.15 20.15
CA GLU B 523 -6.20 -7.47 20.72
C GLU B 523 -5.00 -8.40 20.68
N LEU B 524 -3.80 -7.83 20.97
CA LEU B 524 -2.54 -8.56 20.95
C LEU B 524 -2.53 -9.80 21.84
N ASP B 525 -3.40 -9.85 22.88
CA ASP B 525 -3.54 -10.98 23.79
C ASP B 525 -4.39 -12.13 23.21
N LYS B 526 -4.84 -11.96 21.96
CA LYS B 526 -5.62 -12.94 21.22
C LYS B 526 -4.94 -13.13 19.82
N PHE B 527 -4.39 -12.04 19.25
CA PHE B 527 -3.71 -11.98 17.95
C PHE B 527 -2.46 -12.86 17.85
N PHE B 528 -1.47 -12.61 18.71
CA PHE B 528 -0.18 -13.30 18.67
C PHE B 528 -0.32 -14.78 18.73
N GLN B 529 -1.16 -15.27 19.67
CA GLN B 529 -1.44 -16.70 19.85
C GLN B 529 -2.00 -17.31 18.57
N ARG B 530 -2.90 -16.59 17.88
CA ARG B 530 -3.47 -17.06 16.62
C ARG B 530 -2.36 -17.28 15.55
N MET B 531 -1.37 -16.38 15.53
CA MET B 531 -0.29 -16.42 14.57
C MET B 531 0.66 -17.57 14.83
N VAL B 532 1.08 -17.69 16.09
CA VAL B 532 2.07 -18.62 16.60
C VAL B 532 1.63 -20.10 16.52
N ILE B 533 0.31 -20.33 16.54
CA ILE B 533 -0.31 -21.66 16.41
C ILE B 533 -0.66 -21.99 14.96
N SER B 534 -0.65 -20.98 14.06
CA SER B 534 -0.98 -21.11 12.63
C SER B 534 -0.08 -22.09 11.91
N LYS B 535 -0.50 -22.49 10.69
CA LYS B 535 0.26 -23.43 9.88
C LYS B 535 1.58 -22.87 9.41
N PHE B 536 1.72 -21.53 9.37
CA PHE B 536 2.97 -20.87 8.98
C PHE B 536 4.09 -21.15 9.98
N ASN B 537 3.74 -21.30 11.28
CA ASN B 537 4.67 -21.55 12.38
C ASN B 537 5.83 -20.52 12.31
N PRO B 538 5.49 -19.22 12.44
CA PRO B 538 6.53 -18.18 12.32
C PRO B 538 7.69 -18.28 13.30
N LEU B 539 7.49 -18.94 14.47
CA LEU B 539 8.53 -19.08 15.49
C LEU B 539 9.73 -19.82 14.94
N LYS B 540 9.48 -20.79 14.05
CA LYS B 540 10.51 -21.63 13.43
C LYS B 540 11.31 -20.85 12.38
N PHE B 541 10.64 -19.96 11.62
CA PHE B 541 11.29 -19.27 10.50
C PHE B 541 11.79 -17.85 10.70
N CYS B 542 11.37 -17.15 11.78
CA CYS B 542 11.87 -15.79 12.03
C CYS B 542 13.21 -15.83 12.79
N ASN B 543 13.84 -14.65 12.98
CA ASN B 543 15.11 -14.50 13.70
C ASN B 543 14.99 -15.13 15.10
N GLU B 544 15.85 -16.12 15.40
CA GLU B 544 15.88 -16.90 16.63
C GLU B 544 15.86 -16.07 17.90
N ASN B 545 16.71 -15.01 17.97
CA ASN B 545 16.83 -14.14 19.13
C ASN B 545 15.61 -13.22 19.30
N VAL B 546 15.03 -12.73 18.19
CA VAL B 546 13.82 -11.91 18.27
C VAL B 546 12.66 -12.82 18.79
N MET B 547 12.55 -14.05 18.24
CA MET B 547 11.52 -14.98 18.67
C MET B 547 11.62 -15.37 20.12
N LEU B 548 12.86 -15.55 20.61
CA LEU B 548 13.17 -15.90 21.99
C LEU B 548 12.82 -14.76 22.96
N MET B 549 13.19 -13.50 22.60
CA MET B 549 12.92 -12.32 23.39
C MET B 549 11.41 -12.05 23.41
N PHE B 550 10.77 -12.20 22.23
CA PHE B 550 9.34 -12.05 22.12
C PHE B 550 8.66 -13.07 23.03
N ALA B 551 9.03 -14.36 22.92
CA ALA B 551 8.48 -15.42 23.75
C ALA B 551 8.61 -15.10 25.23
N ARG B 552 9.78 -14.55 25.62
CA ARG B 552 10.04 -14.17 27.01
C ARG B 552 9.02 -13.10 27.46
N ILE B 553 9.00 -11.93 26.78
CA ILE B 553 8.12 -10.80 27.08
C ILE B 553 6.63 -11.18 26.97
N ALA B 554 6.22 -11.85 25.88
CA ALA B 554 4.82 -12.24 25.63
C ALA B 554 4.27 -13.17 26.70
N GLN B 555 5.14 -14.03 27.27
CA GLN B 555 4.74 -14.94 28.34
C GLN B 555 4.56 -14.14 29.64
N GLN B 556 5.47 -13.18 29.90
CA GLN B 556 5.44 -12.31 31.08
C GLN B 556 4.14 -11.47 31.11
N GLU B 557 3.82 -10.83 29.96
CA GLU B 557 2.65 -9.95 29.79
C GLU B 557 1.31 -10.70 29.66
N SER B 558 1.34 -12.05 29.77
CA SER B 558 0.19 -12.97 29.61
C SER B 558 -0.47 -12.82 28.23
N VAL B 559 0.32 -12.33 27.23
CA VAL B 559 -0.06 -12.04 25.83
C VAL B 559 -0.11 -13.30 24.97
N ALA B 560 0.99 -14.09 24.93
CA ALA B 560 1.10 -15.34 24.18
C ALA B 560 2.04 -16.37 24.87
N TYR B 561 1.86 -17.65 24.56
CA TYR B 561 2.61 -18.79 25.12
C TYR B 561 3.25 -19.57 23.97
N CYS B 562 4.56 -19.29 23.75
CA CYS B 562 5.41 -19.76 22.64
C CYS B 562 6.33 -20.91 22.97
N PHE B 563 6.83 -20.97 24.21
CA PHE B 563 7.83 -21.92 24.66
C PHE B 563 7.61 -23.40 24.34
N SER B 564 6.34 -23.88 24.29
CA SER B 564 6.05 -25.27 23.92
C SER B 564 6.25 -25.48 22.41
N ILE B 565 5.80 -24.50 21.58
CA ILE B 565 6.00 -24.50 20.12
C ILE B 565 7.52 -24.45 19.84
N ILE B 566 8.28 -23.63 20.62
CA ILE B 566 9.74 -23.56 20.48
C ILE B 566 10.36 -24.93 20.83
N GLU B 567 9.90 -25.55 21.94
CA GLU B 567 10.38 -26.88 22.36
C GLU B 567 10.18 -27.86 21.21
N ASN B 568 8.95 -27.92 20.67
CA ASN B 568 8.56 -28.78 19.56
C ASN B 568 9.43 -28.57 18.32
N ASN B 569 9.71 -27.31 17.99
CA ASN B 569 10.52 -26.92 16.84
C ASN B 569 11.96 -27.34 16.99
N ASN B 570 12.55 -27.17 18.19
CA ASN B 570 13.93 -27.57 18.47
C ASN B 570 14.07 -29.08 18.37
N ASN B 571 13.08 -29.82 18.89
CA ASN B 571 13.04 -31.28 18.88
C ASN B 571 12.92 -31.87 17.48
N GLU B 572 12.07 -31.26 16.62
CA GLU B 572 11.89 -31.66 15.22
C GLU B 572 13.20 -31.48 14.48
N ARG B 573 13.86 -30.33 14.71
CA ARG B 573 15.15 -29.95 14.13
C ARG B 573 16.25 -30.97 14.51
N LEU B 574 16.27 -31.40 15.80
CA LEU B 574 17.22 -32.37 16.34
C LEU B 574 17.05 -33.75 15.70
N ARG B 575 15.79 -34.16 15.42
CA ARG B 575 15.47 -35.44 14.78
C ARG B 575 15.75 -35.41 13.27
N SER B 597 7.21 -29.20 7.53
CA SER B 597 7.65 -28.00 6.82
C SER B 597 9.13 -28.05 6.38
N SER B 598 9.44 -27.46 5.18
CA SER B 598 10.79 -27.42 4.60
C SER B 598 11.04 -26.16 3.75
N TRP B 599 12.33 -25.75 3.65
CA TRP B 599 12.80 -24.55 2.94
C TRP B 599 14.23 -24.78 2.43
N SER B 600 14.46 -24.51 1.11
CA SER B 600 15.74 -24.62 0.40
C SER B 600 16.88 -23.85 1.09
N LEU B 601 17.82 -24.60 1.70
CA LEU B 601 18.98 -24.16 2.48
C LEU B 601 19.87 -23.05 1.88
N ALA B 602 19.91 -22.93 0.53
CA ALA B 602 20.69 -21.91 -0.19
C ALA B 602 20.07 -20.53 -0.02
N THR B 603 18.80 -20.34 -0.44
CA THR B 603 18.05 -19.08 -0.32
C THR B 603 17.66 -18.77 1.13
N ARG B 604 17.57 -19.84 1.97
CA ARG B 604 17.20 -19.77 3.38
C ARG B 604 18.14 -18.88 4.17
N GLN B 605 19.46 -19.00 3.92
CA GLN B 605 20.48 -18.20 4.60
C GLN B 605 20.34 -16.72 4.31
N GLN B 606 20.09 -16.33 3.02
CA GLN B 606 19.89 -14.93 2.64
C GLN B 606 18.84 -14.29 3.51
N PHE B 607 17.72 -15.02 3.75
CA PHE B 607 16.61 -14.57 4.58
C PHE B 607 17.01 -14.40 6.04
N ILE B 608 17.72 -15.41 6.61
CA ILE B 608 18.20 -15.41 7.99
C ILE B 608 19.10 -14.19 8.20
N ASP B 609 19.95 -13.87 7.19
CA ASP B 609 20.87 -12.73 7.16
C ASP B 609 20.14 -11.38 7.15
N LEU B 610 19.07 -11.27 6.34
CA LEU B 610 18.25 -10.07 6.23
C LEU B 610 17.48 -9.79 7.53
N GLN B 611 17.02 -10.86 8.20
CA GLN B 611 16.26 -10.74 9.45
C GLN B 611 17.14 -10.49 10.68
N SER B 612 18.45 -10.72 10.53
CA SER B 612 19.43 -10.52 11.60
C SER B 612 19.85 -9.08 11.66
N TYR B 613 19.73 -8.37 10.53
CA TYR B 613 20.14 -6.98 10.40
C TYR B 613 19.05 -6.01 10.84
N PHE B 614 19.34 -5.22 11.89
CA PHE B 614 18.46 -4.17 12.41
C PHE B 614 19.15 -2.82 12.14
N PRO B 615 18.61 -1.99 11.23
CA PRO B 615 19.30 -0.73 10.88
C PRO B 615 19.47 0.27 12.00
N TYR B 616 18.55 0.30 12.97
CA TYR B 616 18.65 1.27 14.06
C TYR B 616 19.16 0.74 15.38
N ASP B 617 20.00 -0.33 15.29
CA ASP B 617 20.74 -0.90 16.43
C ASP B 617 21.77 0.19 16.84
N PRO B 618 22.28 0.21 18.09
CA PRO B 618 23.11 1.35 18.51
C PRO B 618 24.22 1.87 17.61
N LEU B 619 24.40 3.19 17.66
CA LEU B 619 25.40 3.95 16.93
C LEU B 619 26.65 3.91 17.82
N PHE B 620 27.82 3.48 17.28
CA PHE B 620 29.05 3.42 18.10
C PHE B 620 29.91 4.69 17.97
N LEU B 621 29.60 5.49 16.95
CA LEU B 621 30.28 6.73 16.64
C LEU B 621 29.95 7.68 17.73
N LYS B 622 30.99 8.24 18.32
CA LYS B 622 30.87 8.90 19.60
C LYS B 622 30.07 10.18 19.68
N ASN B 623 30.36 11.12 18.80
CA ASN B 623 29.64 12.37 18.84
C ASN B 623 28.22 12.31 18.34
N TYR B 624 28.07 11.62 17.24
CA TYR B 624 26.77 11.31 16.61
C TYR B 624 25.83 10.61 17.59
N LYS B 625 26.38 9.73 18.47
CA LYS B 625 25.63 9.02 19.51
C LYS B 625 25.02 10.04 20.50
N ILE B 626 25.83 10.98 20.99
CA ILE B 626 25.42 12.07 21.90
C ILE B 626 24.29 12.93 21.30
N LEU B 627 24.38 13.24 19.99
CA LEU B 627 23.41 14.01 19.24
C LEU B 627 22.05 13.26 19.15
N MET B 628 22.09 11.91 19.08
CA MET B 628 20.93 11.02 18.96
C MET B 628 20.21 10.71 20.24
N LYS B 629 20.89 10.77 21.41
CA LYS B 629 20.27 10.36 22.67
C LYS B 629 18.80 10.78 22.87
N GLU B 630 18.51 12.04 22.54
CA GLU B 630 17.22 12.74 22.57
C GLU B 630 16.14 12.08 21.65
N TYR B 631 16.60 11.50 20.52
CA TYR B 631 15.80 10.81 19.49
C TYR B 631 15.86 9.26 19.57
N TYR B 632 16.68 8.72 20.48
CA TYR B 632 16.91 7.27 20.63
C TYR B 632 16.42 6.60 21.91
N ILE B 633 15.92 5.36 21.77
CA ILE B 633 15.52 4.47 22.88
C ILE B 633 16.52 3.29 22.90
N GLU B 634 17.42 3.24 23.89
CA GLU B 634 18.36 2.11 24.06
C GLU B 634 17.53 0.97 24.67
N TRP B 635 17.98 -0.29 24.58
CA TRP B 635 17.25 -1.40 25.20
C TRP B 635 17.05 -1.21 26.70
N SER B 636 18.01 -0.54 27.38
CA SER B 636 17.92 -0.25 28.81
C SER B 636 16.67 0.58 29.15
N GLU B 637 16.31 1.59 28.32
CA GLU B 637 15.12 2.42 28.53
C GLU B 637 13.83 1.60 28.30
N ALA B 638 13.74 0.89 27.16
CA ALA B 638 12.61 0.04 26.76
C ALA B 638 12.33 -1.07 27.78
N SER B 639 13.37 -1.84 28.22
CA SER B 639 13.24 -2.92 29.20
C SER B 639 13.29 -2.45 30.68
#